data_7SNA
#
_entry.id   7SNA
#
_cell.length_a   110.660
_cell.length_b   66.740
_cell.length_c   79.070
_cell.angle_alpha   90.000
_cell.angle_beta   91.061
_cell.angle_gamma   90.000
#
_symmetry.space_group_name_H-M   'C 1 2 1'
#
loop_
_entity.id
_entity.type
_entity.pdbx_description
1 polymer '3C-like proteinase'
2 non-polymer N~2~-[(benzyloxy)carbonyl]-N-{(2S)-1-hydroxy-3-[(3S)-2-oxopyrrolidin-3-yl]propan-2-yl}-L-leucinamide
3 water water
#
_entity_poly.entity_id   1
_entity_poly.type   'polypeptide(L)'
_entity_poly.pdbx_seq_one_letter_code
;SGLRKMAQPSGVVEPCIVRVAYGNNVLNGLWLGDEVICPRHVIASDTSRVINYENELSSVRLHNFSIAKNNVFLGVVSAK
YKGVNLVLKVNQVNPNTPEHKFKSVRPGESFNILACYEGCPGSVYGVNMRSQGTIKGSFIAGTCGSVGYVLENGTLYFVY
MHHLELGNGSHVGSNLEGEMYGGYEDQPSMQLEGTNVMSSDNVVAFLYAALINGERWFVTNTSMTLESYNSWAKTNSFTE
IVSTDAFNMLAAKTGYSVEKLLECIVRLNKGFGGRTILSYGSLCDEFTPIEVIRQMYGVNLQ
;
_entity_poly.pdbx_strand_id   A,B
#
loop_
_chem_comp.id
_chem_comp.type
_chem_comp.name
_chem_comp.formula
UED non-polymer N~2~-[(benzyloxy)carbonyl]-N-{(2S)-1-hydroxy-3-[(3S)-2-oxopyrrolidin-3-yl]propan-2-yl}-L-leucinamide 'C21 H31 N3 O5'
#
# COMPACT_ATOMS: atom_id res chain seq x y z
N SER A 1 11.70 -13.03 -4.46
CA SER A 1 11.42 -12.36 -3.20
C SER A 1 10.40 -11.23 -3.19
N GLY A 2 9.92 -10.87 -4.35
CA GLY A 2 8.67 -10.15 -4.50
C GLY A 2 8.85 -8.66 -4.76
N LEU A 3 7.88 -8.08 -5.47
CA LEU A 3 7.78 -6.63 -5.66
C LEU A 3 6.33 -6.20 -5.43
N ARG A 4 6.12 -5.25 -4.53
CA ARG A 4 4.78 -4.73 -4.23
C ARG A 4 4.88 -3.21 -4.19
N LYS A 5 3.84 -2.54 -4.68
CA LYS A 5 3.79 -1.09 -4.55
C LYS A 5 3.57 -0.73 -3.08
N MET A 6 4.46 0.06 -2.52
CA MET A 6 4.49 0.31 -1.09
C MET A 6 4.42 1.79 -0.76
N ALA A 7 4.05 2.04 0.49
CA ALA A 7 4.02 3.37 1.09
C ALA A 7 5.04 3.39 2.21
N GLN A 8 5.64 4.54 2.44
CA GLN A 8 6.43 4.75 3.65
C GLN A 8 5.51 4.96 4.86
N PRO A 9 5.97 4.65 6.07
CA PRO A 9 5.04 4.66 7.21
C PRO A 9 4.42 6.04 7.42
N SER A 10 3.19 6.04 8.00
CA SER A 10 2.34 7.22 8.05
C SER A 10 2.25 7.85 9.42
N GLY A 11 2.91 7.27 10.43
CA GLY A 11 2.73 7.71 11.80
C GLY A 11 2.97 9.20 12.01
N VAL A 12 3.99 9.76 11.36
CA VAL A 12 4.29 11.16 11.60
C VAL A 12 3.25 12.10 11.00
N VAL A 13 2.40 11.61 10.12
CA VAL A 13 1.41 12.44 9.42
C VAL A 13 0.03 12.34 10.07
N GLU A 14 -0.34 11.13 10.53
CA GLU A 14 -1.69 10.92 11.04
C GLU A 14 -2.14 12.00 12.03
N PRO A 15 -1.31 12.44 12.99
CA PRO A 15 -1.80 13.40 13.98
C PRO A 15 -2.08 14.78 13.39
N CYS A 16 -1.75 15.00 12.12
CA CYS A 16 -1.91 16.31 11.49
C CYS A 16 -3.21 16.45 10.74
N ILE A 17 -4.04 15.41 10.69
CA ILE A 17 -5.26 15.42 9.91
C ILE A 17 -6.41 15.87 10.80
N VAL A 18 -7.23 16.80 10.28
CA VAL A 18 -8.44 17.25 10.95
C VAL A 18 -9.61 17.26 9.99
N ARG A 19 -10.81 17.14 10.54
CA ARG A 19 -12.05 17.34 9.82
C ARG A 19 -12.29 18.83 9.62
N VAL A 20 -12.64 19.22 8.40
CA VAL A 20 -13.02 20.61 8.11
C VAL A 20 -14.38 20.59 7.44
N ALA A 21 -15.37 21.22 8.10
CA ALA A 21 -16.73 21.29 7.60
C ALA A 21 -17.20 22.74 7.48
N TYR A 22 -17.91 23.04 6.39
CA TYR A 22 -18.57 24.34 6.19
C TYR A 22 -19.82 24.10 5.37
N GLY A 23 -20.96 24.62 5.82
CA GLY A 23 -22.18 24.34 5.07
C GLY A 23 -22.42 22.83 5.02
N ASN A 24 -22.74 22.31 3.84
CA ASN A 24 -22.97 20.89 3.65
C ASN A 24 -21.69 20.16 3.22
N ASN A 25 -20.54 20.83 3.20
CA ASN A 25 -19.29 20.25 2.73
C ASN A 25 -18.49 19.75 3.91
N VAL A 26 -17.81 18.62 3.70
CA VAL A 26 -16.94 18.03 4.72
C VAL A 26 -15.69 17.52 4.01
N LEU A 27 -14.53 17.96 4.47
CA LEU A 27 -13.33 17.37 3.94
C LEU A 27 -12.22 17.44 4.99
N ASN A 28 -11.00 17.21 4.54
CA ASN A 28 -9.86 17.07 5.43
C ASN A 28 -8.93 18.27 5.37
N GLY A 29 -8.34 18.57 6.52
CA GLY A 29 -7.31 19.57 6.61
C GLY A 29 -5.99 19.07 7.16
N LEU A 30 -4.92 19.79 6.79
CA LEU A 30 -3.57 19.55 7.28
C LEU A 30 -3.29 20.63 8.32
N TRP A 31 -3.22 20.21 9.58
CA TRP A 31 -2.99 21.10 10.73
C TRP A 31 -1.51 21.03 11.08
N LEU A 32 -0.83 22.16 10.90
CA LEU A 32 0.58 22.35 11.26
C LEU A 32 0.72 23.68 11.98
N GLY A 33 1.37 23.66 13.15
CA GLY A 33 1.39 24.86 13.97
C GLY A 33 -0.02 25.28 14.32
N ASP A 34 -0.30 26.58 14.17
CA ASP A 34 -1.65 27.12 14.31
C ASP A 34 -2.33 27.35 12.95
N GLU A 35 -2.01 26.53 11.96
CA GLU A 35 -2.48 26.71 10.60
C GLU A 35 -3.13 25.42 10.10
N VAL A 36 -4.28 25.57 9.45
CA VAL A 36 -4.96 24.48 8.76
C VAL A 36 -5.04 24.80 7.27
N ILE A 37 -4.56 23.87 6.43
CA ILE A 37 -4.63 24.00 4.98
C ILE A 37 -5.61 22.97 4.46
N CYS A 38 -6.52 23.40 3.58
CA CYS A 38 -7.56 22.52 3.05
C CYS A 38 -8.03 23.10 1.71
N PRO A 39 -8.59 22.26 0.84
CA PRO A 39 -9.08 22.75 -0.46
C PRO A 39 -10.18 23.77 -0.27
N ARG A 40 -10.11 24.83 -1.08
CA ARG A 40 -11.01 25.96 -0.91
C ARG A 40 -12.46 25.62 -1.23
N HIS A 41 -12.73 24.53 -1.96
CA HIS A 41 -14.15 24.31 -2.25
C HIS A 41 -14.92 23.81 -1.02
N VAL A 42 -14.27 23.68 0.14
CA VAL A 42 -15.01 23.40 1.35
C VAL A 42 -16.04 24.50 1.61
N ILE A 43 -15.78 25.74 1.16
CA ILE A 43 -16.70 26.81 1.47
C ILE A 43 -17.77 27.01 0.41
N ALA A 44 -17.70 26.32 -0.72
CA ALA A 44 -18.58 26.61 -1.84
C ALA A 44 -20.00 26.11 -1.62
N SER A 45 -20.96 26.97 -1.98
CA SER A 45 -22.37 26.64 -1.77
C SER A 45 -22.82 25.50 -2.66
N ASP A 46 -22.29 25.39 -3.89
CA ASP A 46 -22.73 24.30 -4.77
C ASP A 46 -21.60 23.87 -5.70
N THR A 47 -21.00 22.71 -5.39
CA THR A 47 -19.85 22.19 -6.14
C THR A 47 -20.25 21.51 -7.45
N SER A 48 -21.55 21.37 -7.72
CA SER A 48 -22.04 20.83 -8.98
C SER A 48 -22.03 21.85 -10.09
N ARG A 49 -21.86 23.13 -9.79
CA ARG A 49 -21.81 24.18 -10.79
C ARG A 49 -20.50 24.95 -10.61
N VAL A 50 -20.17 25.74 -11.62
CA VAL A 50 -18.97 26.54 -11.56
C VAL A 50 -19.06 27.51 -10.37
N ILE A 51 -17.89 27.82 -9.80
CA ILE A 51 -17.77 28.52 -8.53
C ILE A 51 -17.06 29.85 -8.75
N ASN A 52 -17.62 30.94 -8.18
CA ASN A 52 -16.89 32.21 -8.04
C ASN A 52 -16.28 32.18 -6.65
N TYR A 53 -15.10 31.57 -6.56
CA TYR A 53 -14.44 31.41 -5.26
C TYR A 53 -14.19 32.75 -4.58
N GLU A 54 -13.83 33.80 -5.35
CA GLU A 54 -13.48 35.07 -4.69
C GLU A 54 -14.71 35.71 -4.03
N ASN A 55 -15.83 35.69 -4.74
CA ASN A 55 -17.05 36.23 -4.15
C ASN A 55 -17.57 35.34 -3.01
N GLU A 56 -17.55 34.01 -3.16
CA GLU A 56 -18.03 33.21 -2.03
C GLU A 56 -17.17 33.47 -0.81
N LEU A 57 -15.85 33.63 -0.97
CA LEU A 57 -15.03 33.89 0.22
C LEU A 57 -15.46 35.18 0.93
N SER A 58 -15.91 36.19 0.18
CA SER A 58 -16.31 37.44 0.81
C SER A 58 -17.56 37.32 1.68
N SER A 59 -18.38 36.29 1.49
CA SER A 59 -19.55 36.08 2.33
C SER A 59 -19.30 35.07 3.46
N VAL A 60 -18.08 34.58 3.61
CA VAL A 60 -17.84 33.51 4.57
C VAL A 60 -17.84 34.10 5.98
N ARG A 61 -18.37 33.36 6.93
CA ARG A 61 -18.37 33.74 8.34
C ARG A 61 -17.58 32.69 9.12
N LEU A 62 -16.58 33.16 9.85
CA LEU A 62 -15.55 32.28 10.36
C LEU A 62 -16.08 31.33 11.43
N HIS A 63 -17.13 31.73 12.16
CA HIS A 63 -17.74 30.85 13.16
C HIS A 63 -18.58 29.74 12.53
N ASN A 64 -18.79 29.76 11.22
CA ASN A 64 -19.52 28.70 10.56
C ASN A 64 -18.63 27.52 10.16
N PHE A 65 -17.32 27.65 10.33
CA PHE A 65 -16.43 26.49 10.20
C PHE A 65 -16.58 25.60 11.43
N SER A 66 -16.58 24.29 11.20
CA SER A 66 -16.31 23.32 12.26
C SER A 66 -15.04 22.57 11.93
N ILE A 67 -14.05 22.66 12.80
CA ILE A 67 -12.78 21.97 12.66
C ILE A 67 -12.52 21.18 13.94
N ALA A 68 -12.18 19.90 13.76
CA ALA A 68 -12.14 19.00 14.90
C ALA A 68 -11.31 17.77 14.56
N LYS A 69 -10.78 17.14 15.61
CA LYS A 69 -10.22 15.79 15.54
C LYS A 69 -10.40 15.19 16.93
N ASN A 70 -11.22 14.15 17.03
CA ASN A 70 -11.48 13.53 18.33
C ASN A 70 -11.81 14.56 19.39
N ASN A 71 -10.97 14.72 20.42
CA ASN A 71 -11.34 15.62 21.50
C ASN A 71 -10.80 17.03 21.33
N VAL A 72 -10.46 17.42 20.11
CA VAL A 72 -9.88 18.73 19.82
C VAL A 72 -10.90 19.54 19.04
N PHE A 73 -11.18 20.74 19.52
CA PHE A 73 -12.08 21.67 18.84
C PHE A 73 -11.26 22.91 18.49
N LEU A 74 -11.22 23.24 17.20
CA LEU A 74 -10.44 24.36 16.70
C LEU A 74 -11.35 25.43 16.12
N GLY A 75 -11.14 26.67 16.58
CA GLY A 75 -11.88 27.81 16.06
C GLY A 75 -11.03 28.58 15.06
N VAL A 76 -11.67 29.13 14.03
CA VAL A 76 -10.96 29.78 12.94
C VAL A 76 -10.80 31.25 13.26
N VAL A 77 -9.58 31.75 13.10
CA VAL A 77 -9.19 33.09 13.48
C VAL A 77 -9.15 33.97 12.25
N SER A 78 -8.86 33.37 11.10
CA SER A 78 -8.69 34.15 9.88
C SER A 78 -8.60 33.18 8.72
N ALA A 79 -8.90 33.70 7.53
CA ALA A 79 -8.92 32.87 6.33
C ALA A 79 -8.51 33.67 5.09
N LYS A 80 -7.78 33.00 4.21
CA LYS A 80 -7.39 33.54 2.91
C LYS A 80 -7.09 32.38 1.96
N TYR A 81 -7.01 32.72 0.67
CA TYR A 81 -6.68 31.76 -0.37
C TYR A 81 -5.19 31.87 -0.68
N LYS A 82 -4.54 30.72 -0.83
CA LYS A 82 -3.22 30.63 -1.47
C LYS A 82 -3.36 29.65 -2.63
N GLY A 83 -3.46 30.17 -3.84
CA GLY A 83 -3.79 29.29 -4.95
C GLY A 83 -5.15 28.62 -4.73
N VAL A 84 -5.21 27.30 -4.85
CA VAL A 84 -6.50 26.62 -4.74
C VAL A 84 -6.78 26.14 -3.32
N ASN A 85 -5.98 26.56 -2.36
CA ASN A 85 -6.21 26.15 -0.99
C ASN A 85 -6.64 27.33 -0.11
N LEU A 86 -7.46 27.00 0.87
CA LEU A 86 -7.68 27.86 2.02
C LEU A 86 -6.57 27.68 3.04
N VAL A 87 -6.04 28.80 3.52
CA VAL A 87 -5.14 28.85 4.68
C VAL A 87 -5.91 29.49 5.82
N LEU A 88 -6.18 28.68 6.84
CA LEU A 88 -6.91 29.11 8.03
C LEU A 88 -5.96 29.19 9.22
N LYS A 89 -5.96 30.33 9.92
CA LYS A 89 -5.33 30.40 11.24
C LYS A 89 -6.37 29.91 12.24
N VAL A 90 -5.96 29.01 13.14
CA VAL A 90 -6.85 28.44 14.15
C VAL A 90 -6.31 28.82 15.52
N ASN A 91 -7.11 28.54 16.54
CA ASN A 91 -6.84 29.09 17.86
C ASN A 91 -5.91 28.22 18.71
N GLN A 92 -5.54 27.00 18.28
CA GLN A 92 -4.59 26.16 19.03
C GLN A 92 -3.46 25.67 18.12
N VAL A 93 -2.26 25.60 18.68
CA VAL A 93 -1.10 25.00 18.00
C VAL A 93 -1.21 23.49 18.03
N ASN A 94 -0.93 22.83 16.91
CA ASN A 94 -0.87 21.35 16.89
C ASN A 94 0.33 20.88 17.69
N PRO A 95 0.15 20.22 18.84
CA PRO A 95 1.32 19.84 19.64
C PRO A 95 2.11 18.71 19.04
N ASN A 96 1.59 18.05 18.01
CA ASN A 96 2.30 16.96 17.33
C ASN A 96 2.72 17.35 15.92
N THR A 97 3.11 18.60 15.74
CA THR A 97 3.56 19.11 14.45
C THR A 97 4.94 18.56 14.15
N PRO A 98 5.08 17.70 13.14
CA PRO A 98 6.41 17.15 12.82
C PRO A 98 7.24 18.22 12.12
N GLU A 99 8.56 18.12 12.27
CA GLU A 99 9.44 18.91 11.42
C GLU A 99 9.11 18.61 9.97
N HIS A 100 9.10 19.65 9.13
CA HIS A 100 8.66 19.36 7.77
C HIS A 100 9.01 20.46 6.81
N LYS A 101 9.00 20.10 5.52
CA LYS A 101 9.16 21.03 4.42
C LYS A 101 8.05 20.81 3.39
N PHE A 102 7.86 21.78 2.50
CA PHE A 102 6.99 21.62 1.35
C PHE A 102 7.82 21.51 0.08
N LYS A 103 7.44 20.59 -0.83
CA LYS A 103 7.98 20.65 -2.18
C LYS A 103 7.03 19.97 -3.15
N SER A 104 7.35 20.09 -4.44
CA SER A 104 6.53 19.57 -5.51
C SER A 104 7.15 18.29 -6.04
N VAL A 105 6.32 17.33 -6.42
CA VAL A 105 6.80 16.13 -7.08
C VAL A 105 6.67 16.35 -8.58
N ARG A 106 7.47 15.61 -9.35
CA ARG A 106 7.48 15.70 -10.80
C ARG A 106 7.07 14.38 -11.41
N PRO A 107 6.71 14.36 -12.69
CA PRO A 107 6.29 13.11 -13.33
C PRO A 107 7.32 12.00 -13.19
N GLY A 108 6.82 10.78 -13.04
CA GLY A 108 7.67 9.63 -12.84
C GLY A 108 8.09 9.41 -11.41
N GLU A 109 7.92 10.40 -10.54
CA GLU A 109 8.31 10.28 -9.13
C GLU A 109 7.21 9.62 -8.28
N SER A 110 7.63 8.88 -7.28
CA SER A 110 6.65 8.25 -6.40
C SER A 110 6.49 9.00 -5.09
N PHE A 111 5.30 8.86 -4.50
CA PHE A 111 5.03 9.43 -3.19
C PHE A 111 3.88 8.66 -2.56
N ASN A 112 3.61 9.01 -1.31
CA ASN A 112 2.63 8.33 -0.47
C ASN A 112 1.36 9.16 -0.33
N ILE A 113 0.21 8.48 -0.41
CA ILE A 113 -1.09 9.09 -0.16
C ILE A 113 -1.65 8.55 1.14
N LEU A 114 -1.95 9.43 2.09
CA LEU A 114 -2.75 9.10 3.25
C LEU A 114 -4.19 9.52 2.93
N ALA A 115 -5.00 8.53 2.61
CA ALA A 115 -6.40 8.72 2.28
C ALA A 115 -7.17 8.94 3.57
N CYS A 116 -7.91 10.02 3.61
CA CYS A 116 -8.59 10.48 4.81
C CYS A 116 -10.06 10.72 4.45
N TYR A 117 -10.96 10.24 5.31
CA TYR A 117 -12.40 10.21 5.06
C TYR A 117 -13.08 11.09 6.09
N GLU A 118 -13.46 12.30 5.67
CA GLU A 118 -14.15 13.28 6.54
C GLU A 118 -13.43 13.44 7.87
N GLY A 119 -12.10 13.52 7.81
CA GLY A 119 -11.26 13.82 8.98
C GLY A 119 -10.58 12.61 9.58
N CYS A 120 -10.95 11.40 9.16
CA CYS A 120 -10.36 10.18 9.71
C CYS A 120 -9.38 9.57 8.71
N PRO A 121 -8.08 9.53 9.03
CA PRO A 121 -7.13 8.77 8.19
C PRO A 121 -7.61 7.33 8.07
N GLY A 122 -7.79 6.87 6.86
CA GLY A 122 -8.33 5.55 6.59
C GLY A 122 -7.36 4.56 5.97
N SER A 123 -6.41 5.04 5.18
CA SER A 123 -5.55 4.11 4.47
C SER A 123 -4.36 4.86 3.91
N VAL A 124 -3.29 4.10 3.62
CA VAL A 124 -2.06 4.66 3.05
C VAL A 124 -1.56 3.72 1.96
N TYR A 125 -1.13 4.32 0.84
CA TYR A 125 -0.71 3.60 -0.35
C TYR A 125 0.20 4.51 -1.18
N GLY A 126 1.11 3.87 -1.91
CA GLY A 126 2.01 4.59 -2.78
C GLY A 126 1.41 4.79 -4.16
N VAL A 127 1.79 5.91 -4.78
CA VAL A 127 1.38 6.26 -6.13
C VAL A 127 2.61 6.73 -6.89
N ASN A 128 2.39 7.17 -8.12
CA ASN A 128 3.42 7.69 -9.01
C ASN A 128 2.78 8.80 -9.84
N MET A 129 3.41 9.97 -9.88
CA MET A 129 2.89 11.08 -10.67
C MET A 129 3.04 10.78 -12.17
N ARG A 130 1.94 10.89 -12.89
CA ARG A 130 1.93 10.66 -14.33
C ARG A 130 2.29 11.96 -15.07
N SER A 131 2.53 11.83 -16.39
CA SER A 131 3.11 12.95 -17.13
C SER A 131 2.20 14.17 -17.16
N GLN A 132 0.89 13.98 -17.10
CA GLN A 132 -0.02 15.10 -17.23
C GLN A 132 -0.45 15.68 -15.88
N GLY A 133 0.24 15.29 -14.82
CA GLY A 133 0.00 15.87 -13.52
C GLY A 133 -0.99 15.13 -12.69
N THR A 134 -1.39 13.95 -13.11
CA THR A 134 -2.44 13.18 -12.44
C THR A 134 -1.84 11.97 -11.75
N ILE A 135 -2.64 11.40 -10.85
CA ILE A 135 -2.33 10.12 -10.25
C ILE A 135 -3.55 9.22 -10.42
N LYS A 136 -3.31 7.93 -10.36
CA LYS A 136 -4.36 6.92 -10.47
C LYS A 136 -4.50 6.38 -9.05
N GLY A 137 -5.46 6.92 -8.31
CA GLY A 137 -5.73 6.45 -6.97
C GLY A 137 -7.12 5.92 -6.75
N SER A 138 -7.61 6.07 -5.52
CA SER A 138 -8.96 5.71 -5.13
C SER A 138 -9.44 6.81 -4.20
N PHE A 139 -10.30 7.71 -4.71
CA PHE A 139 -10.77 8.86 -3.98
C PHE A 139 -12.27 8.98 -4.22
N ILE A 140 -13.01 9.32 -3.17
CA ILE A 140 -14.45 9.49 -3.24
C ILE A 140 -14.84 10.75 -2.51
N ALA A 141 -16.16 11.00 -2.45
CA ALA A 141 -16.67 12.13 -1.69
C ALA A 141 -16.17 12.03 -0.26
N GLY A 142 -15.79 13.18 0.31
CA GLY A 142 -15.24 13.24 1.64
C GLY A 142 -13.74 13.02 1.75
N THR A 143 -13.03 12.74 0.65
CA THR A 143 -11.59 12.48 0.76
C THR A 143 -10.73 13.64 0.28
N CYS A 144 -11.34 14.73 -0.16
CA CYS A 144 -10.56 15.91 -0.50
C CYS A 144 -9.89 16.48 0.73
N GLY A 145 -8.70 17.05 0.52
CA GLY A 145 -7.80 17.37 1.61
C GLY A 145 -6.85 16.26 1.97
N SER A 146 -7.09 15.02 1.50
CA SER A 146 -6.14 13.93 1.73
C SER A 146 -4.76 14.35 1.29
N VAL A 147 -3.72 13.95 2.04
CA VAL A 147 -2.39 14.51 1.86
C VAL A 147 -1.40 13.48 1.30
N GLY A 148 -0.51 13.98 0.45
CA GLY A 148 0.60 13.22 -0.09
C GLY A 148 1.89 13.73 0.50
N TYR A 149 2.81 12.80 0.75
CA TYR A 149 4.05 13.10 1.44
C TYR A 149 5.13 12.11 1.04
N VAL A 150 6.37 12.52 1.22
CA VAL A 150 7.52 11.69 0.91
C VAL A 150 8.56 11.95 1.99
N LEU A 151 9.30 10.90 2.35
CA LEU A 151 10.38 11.02 3.31
C LEU A 151 11.69 10.80 2.58
N GLU A 152 12.57 11.83 2.60
CA GLU A 152 13.88 11.77 1.98
C GLU A 152 14.93 12.23 2.98
N ASN A 153 15.94 11.39 3.22
CA ASN A 153 17.11 11.76 4.03
C ASN A 153 16.68 12.40 5.35
N GLY A 154 15.71 11.75 6.00
CA GLY A 154 15.26 12.17 7.32
C GLY A 154 14.30 13.35 7.36
N THR A 155 13.88 13.85 6.20
CA THR A 155 12.99 15.00 6.13
C THR A 155 11.63 14.57 5.59
N LEU A 156 10.59 14.96 6.30
CA LEU A 156 9.20 14.82 5.86
C LEU A 156 8.84 16.00 4.96
N TYR A 157 8.49 15.69 3.71
CA TYR A 157 7.97 16.67 2.75
C TYR A 157 6.48 16.43 2.51
N PHE A 158 5.71 17.49 2.57
CA PHE A 158 4.32 17.47 2.08
C PHE A 158 4.30 17.93 0.63
N VAL A 159 3.69 17.11 -0.23
CA VAL A 159 3.81 17.28 -1.67
C VAL A 159 2.47 17.29 -2.40
N TYR A 160 1.39 16.96 -1.72
CA TYR A 160 0.12 16.79 -2.43
C TYR A 160 -1.07 16.97 -1.50
N MET A 161 -2.13 17.57 -2.04
CA MET A 161 -3.41 17.69 -1.35
C MET A 161 -4.51 17.46 -2.37
N HIS A 162 -5.49 16.61 -2.03
CA HIS A 162 -6.43 16.15 -3.05
C HIS A 162 -7.63 17.09 -3.28
N HIS A 163 -7.98 17.29 -4.59
CA HIS A 163 -9.05 18.20 -4.98
C HIS A 163 -10.14 17.59 -5.86
N LEU A 164 -9.79 16.73 -6.83
CA LEU A 164 -10.84 16.37 -7.78
C LEU A 164 -10.50 15.16 -8.62
N GLU A 165 -11.52 14.73 -9.38
CA GLU A 165 -11.47 13.55 -10.23
C GLU A 165 -11.90 13.92 -11.64
N LEU A 166 -11.10 13.54 -12.63
CA LEU A 166 -11.43 13.86 -14.01
C LEU A 166 -12.42 12.85 -14.57
N GLY A 167 -13.00 13.19 -15.72
CA GLY A 167 -13.99 12.32 -16.33
C GLY A 167 -13.51 10.90 -16.56
N ASN A 168 -12.21 10.74 -16.83
CA ASN A 168 -11.64 9.42 -17.09
C ASN A 168 -11.17 8.71 -15.81
N GLY A 169 -11.50 9.24 -14.63
CA GLY A 169 -11.11 8.60 -13.38
C GLY A 169 -9.74 9.00 -12.85
N SER A 170 -8.96 9.76 -13.60
CA SER A 170 -7.70 10.26 -13.09
C SER A 170 -7.93 11.27 -11.96
N HIS A 171 -6.99 11.28 -11.01
CA HIS A 171 -7.13 12.09 -9.82
C HIS A 171 -6.14 13.25 -9.81
N VAL A 172 -6.64 14.40 -9.35
CA VAL A 172 -5.96 15.68 -9.49
C VAL A 172 -5.87 16.36 -8.14
N GLY A 173 -4.69 16.89 -7.83
CA GLY A 173 -4.48 17.64 -6.62
C GLY A 173 -3.50 18.77 -6.84
N SER A 174 -3.18 19.45 -5.76
CA SER A 174 -2.33 20.64 -5.75
C SER A 174 -1.08 20.32 -4.93
N ASN A 175 -0.04 21.13 -5.07
CA ASN A 175 0.99 21.10 -4.04
C ASN A 175 0.49 21.92 -2.85
N LEU A 176 1.31 22.03 -1.84
CA LEU A 176 0.83 22.66 -0.63
C LEU A 176 0.98 24.17 -0.71
N GLU A 177 1.46 24.71 -1.82
CA GLU A 177 1.33 26.14 -2.08
C GLU A 177 0.06 26.46 -2.85
N GLY A 178 -0.78 25.45 -3.11
CA GLY A 178 -2.01 25.70 -3.82
C GLY A 178 -1.87 25.79 -5.33
N GLU A 179 -0.76 25.37 -5.92
CA GLU A 179 -0.67 25.21 -7.36
C GLU A 179 -1.14 23.80 -7.73
N MET A 180 -2.17 23.71 -8.58
CA MET A 180 -2.70 22.44 -9.04
C MET A 180 -1.70 21.76 -9.97
N TYR A 181 -1.37 20.51 -9.66
CA TYR A 181 -0.59 19.72 -10.60
C TYR A 181 -1.31 19.62 -11.96
N GLY A 182 -0.56 19.77 -13.04
CA GLY A 182 -1.11 19.66 -14.38
C GLY A 182 -1.93 20.86 -14.82
N GLY A 183 -2.00 21.89 -13.97
CA GLY A 183 -2.72 23.10 -14.30
C GLY A 183 -4.22 22.98 -14.44
N TYR A 184 -4.85 21.94 -13.91
CA TYR A 184 -6.31 21.82 -13.95
C TYR A 184 -6.93 22.82 -12.98
N GLU A 185 -8.14 23.29 -13.27
CA GLU A 185 -8.86 24.13 -12.33
C GLU A 185 -9.67 23.29 -11.35
N ASP A 186 -9.90 23.85 -10.14
CA ASP A 186 -10.82 23.24 -9.16
C ASP A 186 -12.26 23.69 -9.44
N GLN A 187 -12.80 23.18 -10.54
CA GLN A 187 -14.15 23.46 -11.03
C GLN A 187 -14.77 22.18 -11.55
N PRO A 188 -16.10 22.06 -11.48
CA PRO A 188 -16.76 20.82 -11.95
C PRO A 188 -16.79 20.68 -13.45
N SER A 189 -16.55 21.74 -14.20
CA SER A 189 -16.60 21.63 -15.65
C SER A 189 -15.56 20.64 -16.14
N MET A 190 -15.86 20.00 -17.26
CA MET A 190 -15.05 18.88 -17.75
C MET A 190 -13.76 19.40 -18.35
N GLN A 191 -12.67 18.79 -17.93
CA GLN A 191 -11.33 19.07 -18.43
C GLN A 191 -10.78 17.73 -18.87
N LEU A 192 -9.96 17.75 -19.90
CA LEU A 192 -9.41 16.52 -20.45
C LEU A 192 -7.99 16.29 -19.95
N GLU A 193 -7.63 15.03 -19.84
CA GLU A 193 -6.25 14.65 -19.62
C GLU A 193 -5.60 14.46 -20.99
N GLY A 194 -4.45 15.07 -21.19
CA GLY A 194 -3.72 14.83 -22.42
C GLY A 194 -3.27 13.39 -22.55
N THR A 195 -2.40 13.11 -23.51
CA THR A 195 -1.88 11.76 -23.67
C THR A 195 -0.85 11.46 -22.58
N ASN A 196 -0.91 10.25 -22.08
CA ASN A 196 -0.04 9.78 -21.02
C ASN A 196 1.29 9.37 -21.61
N VAL A 197 2.38 9.80 -20.98
CA VAL A 197 3.71 9.38 -21.43
C VAL A 197 4.35 8.47 -20.39
N MET A 198 4.63 7.24 -20.78
CA MET A 198 5.22 6.29 -19.87
C MET A 198 6.65 6.67 -19.54
N SER A 199 7.01 6.51 -18.26
CA SER A 199 8.36 6.81 -17.80
C SER A 199 9.28 5.64 -18.14
N SER A 200 10.18 5.87 -19.06
CA SER A 200 11.12 4.80 -19.44
C SER A 200 12.01 4.37 -18.27
N ASP A 201 12.51 5.33 -17.49
CA ASP A 201 13.33 4.96 -16.33
C ASP A 201 12.61 3.95 -15.45
N ASN A 202 11.33 4.20 -15.16
CA ASN A 202 10.62 3.30 -14.27
C ASN A 202 10.39 1.94 -14.92
N VAL A 203 10.12 1.89 -16.22
CA VAL A 203 9.95 0.60 -16.87
C VAL A 203 11.25 -0.19 -16.83
N VAL A 204 12.39 0.46 -17.05
CA VAL A 204 13.67 -0.23 -16.90
C VAL A 204 13.84 -0.77 -15.48
N ALA A 205 13.50 0.03 -14.48
CA ALA A 205 13.62 -0.43 -13.09
C ALA A 205 12.77 -1.68 -12.85
N PHE A 206 11.56 -1.70 -13.41
CA PHE A 206 10.64 -2.81 -13.26
C PHE A 206 11.21 -4.09 -13.90
N LEU A 207 11.85 -3.94 -15.06
CA LEU A 207 12.44 -5.08 -15.73
C LEU A 207 13.65 -5.58 -14.95
N TYR A 208 14.44 -4.66 -14.38
CA TYR A 208 15.52 -5.10 -13.51
C TYR A 208 14.97 -5.88 -12.31
N ALA A 209 13.88 -5.36 -11.71
CA ALA A 209 13.24 -6.06 -10.57
C ALA A 209 12.85 -7.49 -10.96
N ALA A 210 12.25 -7.65 -12.15
CA ALA A 210 11.85 -8.98 -12.59
C ALA A 210 13.04 -9.92 -12.69
N LEU A 211 14.15 -9.44 -13.25
CA LEU A 211 15.34 -10.26 -13.44
C LEU A 211 15.93 -10.73 -12.12
N ILE A 212 16.01 -9.82 -11.15
CA ILE A 212 16.44 -10.17 -9.80
C ILE A 212 15.53 -11.23 -9.19
N ASN A 213 14.25 -11.18 -9.52
CA ASN A 213 13.27 -12.14 -9.05
C ASN A 213 13.26 -13.41 -9.86
N GLY A 214 14.28 -13.63 -10.68
CA GLY A 214 14.38 -14.87 -11.41
C GLY A 214 13.44 -15.02 -12.58
N GLU A 215 12.96 -13.93 -13.13
CA GLU A 215 12.04 -13.97 -14.25
C GLU A 215 12.77 -13.37 -15.44
N ARG A 216 13.12 -14.23 -16.42
CA ARG A 216 13.86 -13.72 -17.56
C ARG A 216 13.42 -14.27 -18.90
N TRP A 217 12.20 -14.75 -19.05
CA TRP A 217 11.77 -15.19 -20.37
C TRP A 217 11.85 -14.06 -21.41
N PHE A 218 11.72 -12.81 -20.98
CA PHE A 218 11.55 -11.71 -21.95
C PHE A 218 12.85 -11.16 -22.51
N VAL A 219 14.00 -11.49 -21.92
CA VAL A 219 15.26 -10.83 -22.24
C VAL A 219 16.04 -11.66 -23.25
N THR A 220 16.85 -10.98 -24.07
CA THR A 220 17.77 -11.62 -25.01
C THR A 220 19.15 -10.98 -24.90
N ASN A 221 20.07 -11.50 -25.72
CA ASN A 221 21.40 -10.90 -25.89
C ASN A 221 21.42 -10.08 -27.17
N THR A 222 20.57 -9.07 -27.15
CA THR A 222 20.37 -8.10 -28.21
C THR A 222 20.12 -6.77 -27.51
N SER A 223 20.67 -5.69 -28.07
CA SER A 223 20.57 -4.41 -27.40
C SER A 223 20.13 -3.34 -28.39
N MET A 224 19.91 -2.14 -27.86
CA MET A 224 19.52 -0.98 -28.63
C MET A 224 20.18 0.24 -28.00
N THR A 225 20.70 1.14 -28.85
CA THR A 225 21.29 2.36 -28.34
C THR A 225 20.24 3.29 -27.72
N LEU A 226 20.73 4.17 -26.83
CA LEU A 226 19.95 5.28 -26.32
C LEU A 226 19.33 6.11 -27.43
N GLU A 227 20.15 6.51 -28.41
CA GLU A 227 19.67 7.39 -29.46
C GLU A 227 18.56 6.70 -30.26
N SER A 228 18.74 5.42 -30.57
CA SER A 228 17.71 4.64 -31.26
C SER A 228 16.46 4.53 -30.40
N TYR A 229 16.64 4.16 -29.12
CA TYR A 229 15.49 4.03 -28.24
C TYR A 229 14.75 5.37 -28.07
N ASN A 230 15.50 6.47 -27.91
CA ASN A 230 14.86 7.77 -27.68
C ASN A 230 14.09 8.21 -28.92
N SER A 231 14.62 7.93 -30.11
CA SER A 231 13.89 8.19 -31.35
C SER A 231 12.54 7.45 -31.35
N TRP A 232 12.55 6.15 -31.04
CA TRP A 232 11.32 5.38 -30.87
C TRP A 232 10.42 5.97 -29.78
N ALA A 233 10.97 6.26 -28.60
CA ALA A 233 10.15 6.69 -27.48
C ALA A 233 9.36 7.95 -27.80
N LYS A 234 10.00 8.91 -28.50
CA LYS A 234 9.30 10.13 -28.88
C LYS A 234 7.99 9.81 -29.59
N THR A 235 7.99 8.83 -30.50
CA THR A 235 6.79 8.57 -31.29
C THR A 235 5.86 7.52 -30.69
N ASN A 236 6.20 6.93 -29.54
CA ASN A 236 5.37 5.90 -28.90
C ASN A 236 4.98 6.26 -27.48
N SER A 237 5.07 7.53 -27.10
CA SER A 237 4.64 8.01 -25.78
C SER A 237 5.43 7.37 -24.65
N PHE A 238 6.77 7.43 -24.76
CA PHE A 238 7.66 7.05 -23.66
C PHE A 238 8.66 8.17 -23.45
N THR A 239 9.08 8.37 -22.21
CA THR A 239 10.07 9.39 -21.95
C THR A 239 11.40 8.96 -22.54
N GLU A 240 12.25 9.95 -22.82
CA GLU A 240 13.58 9.65 -23.32
C GLU A 240 14.56 9.47 -22.18
N ILE A 241 15.46 8.52 -22.37
CA ILE A 241 16.50 8.20 -21.40
C ILE A 241 17.64 9.19 -21.57
N VAL A 242 17.93 9.95 -20.51
CA VAL A 242 19.02 10.90 -20.56
C VAL A 242 20.34 10.21 -20.25
N SER A 243 20.33 9.19 -19.39
CA SER A 243 21.56 8.55 -19.00
C SER A 243 21.27 7.26 -18.27
N THR A 244 22.27 6.38 -18.22
CA THR A 244 22.17 5.07 -17.60
C THR A 244 22.87 5.00 -16.24
N ASP A 245 23.24 6.15 -15.66
CA ASP A 245 24.04 6.13 -14.43
C ASP A 245 23.24 5.59 -13.25
N ALA A 246 21.95 5.90 -13.17
CA ALA A 246 21.11 5.44 -12.06
C ALA A 246 21.03 3.92 -11.97
N PHE A 247 21.37 3.20 -13.03
CA PHE A 247 21.19 1.75 -13.10
C PHE A 247 22.50 0.98 -12.97
N ASN A 248 23.62 1.66 -12.70
CA ASN A 248 24.92 0.98 -12.69
C ASN A 248 24.93 -0.23 -11.76
N MET A 249 24.44 -0.06 -10.52
CA MET A 249 24.49 -1.17 -9.56
C MET A 249 23.53 -2.27 -9.95
N LEU A 250 22.30 -1.90 -10.35
CA LEU A 250 21.35 -2.88 -10.86
C LEU A 250 21.94 -3.68 -12.03
N ALA A 251 22.62 -2.98 -12.95
CA ALA A 251 23.24 -3.62 -14.10
C ALA A 251 24.35 -4.56 -13.67
N ALA A 252 25.11 -4.17 -12.63
CA ALA A 252 26.20 -5.01 -12.14
C ALA A 252 25.68 -6.27 -11.47
N LYS A 253 24.53 -6.19 -10.77
CA LYS A 253 24.04 -7.35 -10.03
C LYS A 253 23.35 -8.38 -10.92
N THR A 254 22.72 -7.92 -12.01
CA THR A 254 21.98 -8.84 -12.89
C THR A 254 22.81 -9.29 -14.08
N GLY A 255 23.79 -8.51 -14.48
CA GLY A 255 24.55 -8.81 -15.68
C GLY A 255 24.00 -8.25 -16.97
N TYR A 256 22.94 -7.45 -16.91
CA TYR A 256 22.28 -6.93 -18.09
C TYR A 256 22.41 -5.42 -18.14
N SER A 257 22.82 -4.92 -19.29
CA SER A 257 22.91 -3.48 -19.48
C SER A 257 21.52 -2.88 -19.65
N VAL A 258 21.43 -1.58 -19.39
CA VAL A 258 20.19 -0.85 -19.70
C VAL A 258 19.83 -1.04 -21.18
N GLU A 259 20.84 -1.00 -22.05
CA GLU A 259 20.62 -1.08 -23.48
C GLU A 259 19.93 -2.39 -23.89
N LYS A 260 20.15 -3.46 -23.12
CA LYS A 260 19.43 -4.71 -23.39
C LYS A 260 17.96 -4.56 -22.99
N LEU A 261 17.69 -3.91 -21.87
CA LEU A 261 16.32 -3.72 -21.44
C LEU A 261 15.59 -2.76 -22.37
N LEU A 262 16.31 -1.83 -23.02
CA LEU A 262 15.66 -0.89 -23.95
C LEU A 262 15.05 -1.64 -25.13
N GLU A 263 15.82 -2.57 -25.70
CA GLU A 263 15.30 -3.49 -26.70
C GLU A 263 14.10 -4.26 -26.17
N CYS A 264 14.18 -4.73 -24.93
CA CYS A 264 13.01 -5.41 -24.35
C CYS A 264 11.78 -4.49 -24.35
N ILE A 265 11.96 -3.21 -24.04
CA ILE A 265 10.83 -2.29 -23.98
C ILE A 265 10.17 -2.18 -25.35
N VAL A 266 10.96 -1.92 -26.38
CA VAL A 266 10.38 -1.78 -27.71
C VAL A 266 9.66 -3.05 -28.12
N ARG A 267 10.27 -4.20 -27.88
CA ARG A 267 9.63 -5.49 -28.18
C ARG A 267 8.38 -5.68 -27.34
N LEU A 268 8.51 -5.60 -26.02
CA LEU A 268 7.38 -5.95 -25.15
C LEU A 268 6.23 -4.95 -25.26
N ASN A 269 6.45 -3.75 -25.81
CA ASN A 269 5.35 -2.77 -25.88
C ASN A 269 4.26 -3.25 -26.83
N LYS A 270 4.61 -4.06 -27.84
CA LYS A 270 3.58 -4.60 -28.73
C LYS A 270 2.66 -5.55 -27.99
N GLY A 271 3.18 -6.27 -27.00
CA GLY A 271 2.34 -7.04 -26.11
C GLY A 271 3.09 -8.11 -25.36
N PHE A 272 2.72 -8.36 -24.10
CA PHE A 272 3.09 -9.64 -23.53
C PHE A 272 2.16 -10.69 -24.10
N GLY A 273 0.90 -10.29 -24.39
CA GLY A 273 -0.14 -11.04 -25.08
C GLY A 273 -0.58 -12.38 -24.54
N GLY A 274 -0.32 -12.65 -23.25
CA GLY A 274 -0.56 -13.98 -22.67
C GLY A 274 0.44 -14.40 -21.61
N ARG A 275 1.68 -13.91 -21.63
CA ARG A 275 2.58 -14.13 -20.51
C ARG A 275 2.43 -12.98 -19.51
N THR A 276 3.17 -13.08 -18.39
CA THR A 276 3.16 -12.02 -17.38
C THR A 276 4.58 -11.79 -16.87
N ILE A 277 4.78 -10.60 -16.29
CA ILE A 277 6.03 -10.24 -15.65
C ILE A 277 5.72 -9.78 -14.23
N LEU A 278 6.24 -10.51 -13.24
CA LEU A 278 5.95 -10.20 -11.84
C LEU A 278 4.44 -10.05 -11.65
N SER A 279 3.70 -10.91 -12.34
CA SER A 279 2.25 -11.00 -12.35
C SER A 279 1.58 -9.85 -13.11
N TYR A 280 2.34 -8.90 -13.64
CA TYR A 280 1.77 -7.85 -14.46
C TYR A 280 1.60 -8.31 -15.90
N GLY A 281 0.56 -7.80 -16.54
CA GLY A 281 0.19 -8.21 -17.88
C GLY A 281 0.67 -7.26 -18.94
N SER A 282 1.16 -6.08 -18.54
CA SER A 282 1.81 -5.19 -19.48
C SER A 282 2.89 -4.39 -18.76
N LEU A 283 3.66 -3.64 -19.54
CA LEU A 283 4.74 -2.86 -18.95
C LEU A 283 4.21 -1.91 -17.88
N CYS A 284 4.94 -1.83 -16.77
CA CYS A 284 4.54 -1.05 -15.60
C CYS A 284 5.59 0.02 -15.32
N ASP A 285 5.14 1.27 -15.24
CA ASP A 285 5.98 2.43 -15.00
C ASP A 285 5.72 3.06 -13.63
N GLU A 286 5.20 2.31 -12.68
CA GLU A 286 4.89 2.84 -11.37
C GLU A 286 6.01 2.69 -10.34
N PHE A 287 7.13 2.02 -10.66
CA PHE A 287 8.24 1.88 -9.72
C PHE A 287 9.48 2.62 -10.23
N THR A 288 10.06 3.49 -9.38
CA THR A 288 11.32 4.12 -9.74
C THR A 288 12.51 3.18 -9.43
N PRO A 289 13.68 3.48 -9.99
CA PRO A 289 14.85 2.65 -9.68
C PRO A 289 15.16 2.57 -8.19
N ILE A 290 14.95 3.67 -7.46
CA ILE A 290 15.17 3.71 -6.02
C ILE A 290 14.14 2.86 -5.28
N GLU A 291 12.88 2.90 -5.73
CA GLU A 291 11.87 2.02 -5.15
C GLU A 291 12.27 0.56 -5.28
N VAL A 292 12.77 0.17 -6.46
CA VAL A 292 13.18 -1.21 -6.69
C VAL A 292 14.34 -1.58 -5.78
N ILE A 293 15.38 -0.74 -5.76
CA ILE A 293 16.56 -1.01 -4.94
C ILE A 293 16.19 -1.17 -3.47
N ARG A 294 15.28 -0.34 -2.95
CA ARG A 294 14.84 -0.49 -1.56
C ARG A 294 14.31 -1.90 -1.29
N GLN A 295 13.47 -2.40 -2.20
CA GLN A 295 12.78 -3.68 -1.97
C GLN A 295 13.66 -4.89 -2.25
N MET A 296 14.62 -4.79 -3.18
CA MET A 296 15.48 -5.91 -3.49
C MET A 296 16.62 -6.04 -2.50
N TYR A 297 17.09 -4.92 -1.96
CA TYR A 297 18.31 -4.85 -1.17
C TYR A 297 18.13 -4.14 0.14
N GLY A 298 17.00 -3.47 0.37
CA GLY A 298 16.67 -2.93 1.66
C GLY A 298 17.55 -1.83 2.23
N VAL A 299 17.94 -0.86 1.42
CA VAL A 299 18.84 0.16 1.96
C VAL A 299 18.28 1.59 1.96
N ASN A 300 18.48 2.28 0.84
CA ASN A 300 18.06 3.65 0.55
C ASN A 300 16.59 3.92 0.89
N LEU A 301 16.18 3.65 2.13
CA LEU A 301 14.76 3.64 2.47
C LEU A 301 14.12 5.03 2.46
N GLN A 302 14.93 6.07 2.37
CA GLN A 302 14.47 7.41 2.12
C GLN A 302 15.32 8.02 0.98
N SER B 1 -13.84 7.56 -7.30
CA SER B 1 -13.70 6.21 -7.82
C SER B 1 -12.25 5.69 -7.86
N GLY B 2 -12.10 4.44 -8.29
CA GLY B 2 -10.80 3.80 -8.31
C GLY B 2 -10.68 2.71 -7.26
N LEU B 3 -9.86 1.71 -7.57
CA LEU B 3 -9.58 0.63 -6.62
C LEU B 3 -8.09 0.37 -6.55
N ARG B 4 -7.52 0.50 -5.34
CA ARG B 4 -6.11 0.24 -5.09
C ARG B 4 -5.96 -0.61 -3.83
N LYS B 5 -4.99 -1.51 -3.84
CA LYS B 5 -4.72 -2.31 -2.63
C LYS B 5 -4.12 -1.40 -1.58
N MET B 6 -4.73 -1.36 -0.40
CA MET B 6 -4.38 -0.36 0.60
C MET B 6 -3.95 -0.98 1.92
N ALA B 7 -3.19 -0.20 2.68
CA ALA B 7 -2.85 -0.51 4.07
C ALA B 7 -3.57 0.45 5.03
N GLN B 8 -3.99 -0.07 6.19
CA GLN B 8 -4.47 0.82 7.24
C GLN B 8 -3.28 1.58 7.85
N PRO B 9 -3.49 2.83 8.28
CA PRO B 9 -2.35 3.64 8.75
C PRO B 9 -1.56 2.91 9.84
N SER B 10 -0.24 3.07 9.79
CA SER B 10 0.69 2.29 10.62
C SER B 10 1.07 2.95 11.95
N GLY B 11 0.57 4.17 12.21
CA GLY B 11 1.11 4.99 13.28
C GLY B 11 1.06 4.33 14.65
N VAL B 12 -0.02 3.62 14.96
CA VAL B 12 -0.12 3.02 16.27
C VAL B 12 0.79 1.80 16.43
N VAL B 13 1.28 1.22 15.32
CA VAL B 13 2.17 0.07 15.40
C VAL B 13 3.64 0.49 15.44
N GLU B 14 4.02 1.52 14.68
CA GLU B 14 5.43 1.89 14.54
C GLU B 14 6.22 2.01 15.85
N PRO B 15 5.66 2.50 16.95
CA PRO B 15 6.49 2.68 18.16
C PRO B 15 6.76 1.40 18.93
N CYS B 16 6.22 0.27 18.48
CA CYS B 16 6.39 -1.01 19.10
C CYS B 16 7.51 -1.84 18.47
N ILE B 17 8.11 -1.34 17.39
CA ILE B 17 9.12 -2.09 16.64
C ILE B 17 10.46 -1.86 17.30
N VAL B 18 11.21 -2.95 17.54
CA VAL B 18 12.59 -2.87 18.01
C VAL B 18 13.51 -3.71 17.16
N ARG B 19 14.77 -3.31 17.12
CA ARG B 19 15.81 -4.15 16.55
C ARG B 19 16.22 -5.24 17.56
N VAL B 20 16.31 -6.49 17.08
CA VAL B 20 16.77 -7.62 17.88
C VAL B 20 17.91 -8.34 17.15
N ALA B 21 19.11 -8.34 17.75
CA ALA B 21 20.26 -9.03 17.19
C ALA B 21 20.80 -10.04 18.21
N TYR B 22 21.25 -11.17 17.67
CA TYR B 22 21.94 -12.20 18.45
C TYR B 22 22.97 -12.81 17.51
N GLY B 23 24.24 -12.73 17.85
CA GLY B 23 25.26 -13.18 16.90
C GLY B 23 25.21 -12.36 15.63
N ASN B 24 25.31 -13.04 14.49
CA ASN B 24 25.24 -12.39 13.19
C ASN B 24 23.80 -12.23 12.71
N ASN B 25 22.82 -12.65 13.49
CA ASN B 25 21.43 -12.56 13.09
C ASN B 25 20.86 -11.22 13.54
N VAL B 26 20.09 -10.60 12.67
CA VAL B 26 19.48 -9.33 13.02
C VAL B 26 18.10 -9.32 12.38
N LEU B 27 17.08 -9.14 13.21
CA LEU B 27 15.72 -9.02 12.71
C LEU B 27 14.98 -8.08 13.67
N ASN B 28 13.66 -8.17 13.66
CA ASN B 28 12.79 -7.20 14.31
C ASN B 28 11.97 -7.88 15.40
N GLY B 29 11.68 -7.10 16.46
CA GLY B 29 10.79 -7.51 17.53
C GLY B 29 9.59 -6.59 17.75
N LEU B 30 8.59 -7.12 18.46
CA LEU B 30 7.38 -6.40 18.84
C LEU B 30 7.43 -6.19 20.34
N TRP B 31 7.57 -4.94 20.76
CA TRP B 31 7.74 -4.56 22.16
C TRP B 31 6.41 -4.07 22.73
N LEU B 32 5.85 -4.85 23.65
CA LEU B 32 4.57 -4.55 24.31
C LEU B 32 4.71 -4.81 25.81
N GLY B 33 4.35 -3.84 26.63
CA GLY B 33 4.64 -3.96 28.05
C GLY B 33 6.12 -4.29 28.27
N ASP B 34 6.41 -5.31 29.09
CA ASP B 34 7.79 -5.69 29.38
C ASP B 34 8.24 -6.89 28.56
N GLU B 35 7.63 -7.10 27.39
CA GLU B 35 7.86 -8.28 26.57
C GLU B 35 8.26 -7.88 25.16
N VAL B 36 9.29 -8.53 24.63
CA VAL B 36 9.61 -8.48 23.20
C VAL B 36 9.38 -9.85 22.58
N ILE B 37 8.63 -9.90 21.47
CA ILE B 37 8.35 -11.12 20.74
C ILE B 37 9.04 -11.03 19.40
N CYS B 38 9.81 -12.04 19.06
CA CYS B 38 10.51 -12.07 17.79
C CYS B 38 10.61 -13.50 17.32
N PRO B 39 10.97 -13.71 16.07
CA PRO B 39 11.19 -15.09 15.59
C PRO B 39 12.36 -15.75 16.27
N ARG B 40 12.18 -17.00 16.67
CA ARG B 40 13.20 -17.64 17.48
C ARG B 40 14.48 -17.96 16.69
N HIS B 41 14.43 -17.97 15.35
CA HIS B 41 15.68 -18.29 14.67
C HIS B 41 16.73 -17.20 14.83
N VAL B 42 16.45 -16.10 15.55
CA VAL B 42 17.48 -15.10 15.80
C VAL B 42 18.59 -15.68 16.66
N ILE B 43 18.30 -16.74 17.45
CA ILE B 43 19.38 -17.32 18.24
C ILE B 43 20.01 -18.54 17.56
N ALA B 44 19.64 -18.86 16.33
CA ALA B 44 20.26 -20.02 15.69
C ALA B 44 21.72 -19.69 15.35
N SER B 45 22.62 -20.64 15.63
CA SER B 45 24.01 -20.33 15.31
C SER B 45 24.32 -20.42 13.81
N ASP B 46 23.50 -21.14 13.02
CA ASP B 46 23.71 -21.23 11.58
C ASP B 46 22.35 -21.48 10.91
N THR B 47 21.78 -20.44 10.31
CA THR B 47 20.47 -20.58 9.66
C THR B 47 20.54 -21.29 8.33
N SER B 48 21.73 -21.59 7.81
CA SER B 48 21.83 -22.37 6.59
C SER B 48 21.74 -23.88 6.85
N ARG B 49 21.29 -24.28 8.02
CA ARG B 49 21.56 -25.57 8.61
C ARG B 49 20.36 -25.95 9.45
N VAL B 50 20.03 -27.25 9.52
CA VAL B 50 18.91 -27.62 10.36
C VAL B 50 19.22 -27.20 11.79
N ILE B 51 18.28 -26.51 12.41
CA ILE B 51 18.50 -25.88 13.71
C ILE B 51 17.97 -26.82 14.79
N ASN B 52 18.80 -27.06 15.81
CA ASN B 52 18.36 -27.73 17.04
C ASN B 52 17.90 -26.64 17.99
N TYR B 53 16.66 -26.17 17.80
CA TYR B 53 16.13 -25.04 18.59
C TYR B 53 16.29 -25.27 20.07
N GLU B 54 16.34 -26.48 20.44
CA GLU B 54 16.31 -26.77 21.83
C GLU B 54 17.67 -26.65 22.49
N ASN B 55 18.73 -27.00 21.78
CA ASN B 55 20.05 -26.71 22.30
C ASN B 55 20.36 -25.21 22.20
N GLU B 56 19.84 -24.51 21.18
CA GLU B 56 20.11 -23.08 21.08
C GLU B 56 19.51 -22.37 22.29
N LEU B 57 18.30 -22.76 22.71
CA LEU B 57 17.69 -22.12 23.87
C LEU B 57 18.47 -22.44 25.12
N SER B 58 18.77 -23.72 25.35
CA SER B 58 19.36 -24.08 26.63
C SER B 58 20.75 -23.48 26.81
N SER B 59 21.42 -23.06 25.73
CA SER B 59 22.76 -22.48 25.79
C SER B 59 22.76 -20.96 25.55
N VAL B 60 21.58 -20.33 25.52
CA VAL B 60 21.50 -18.90 25.23
C VAL B 60 22.26 -18.10 26.28
N ARG B 61 22.98 -17.08 25.81
CA ARG B 61 23.60 -16.09 26.69
C ARG B 61 22.76 -14.82 26.61
N LEU B 62 22.05 -14.51 27.70
CA LEU B 62 21.09 -13.40 27.63
C LEU B 62 21.79 -12.10 27.29
N HIS B 63 23.04 -11.92 27.72
CA HIS B 63 23.75 -10.69 27.42
C HIS B 63 24.17 -10.58 25.96
N ASN B 64 24.08 -11.66 25.20
CA ASN B 64 24.45 -11.61 23.80
C ASN B 64 23.30 -11.13 22.92
N PHE B 65 22.12 -10.89 23.51
CA PHE B 65 21.08 -10.17 22.80
C PHE B 65 21.43 -8.70 22.74
N SER B 66 21.08 -8.06 21.63
CA SER B 66 21.23 -6.62 21.47
C SER B 66 19.88 -6.13 20.99
N ILE B 67 19.21 -5.32 21.81
CA ILE B 67 17.84 -4.89 21.54
C ILE B 67 17.75 -3.38 21.76
N ALA B 68 17.21 -2.66 20.77
CA ALA B 68 17.18 -1.21 20.77
C ALA B 68 16.01 -0.65 19.94
N LYS B 69 15.44 0.45 20.46
CA LYS B 69 14.46 1.33 19.79
C LYS B 69 15.13 2.71 19.84
N ASN B 70 15.66 3.15 18.70
CA ASN B 70 16.53 4.32 18.66
C ASN B 70 17.58 4.22 19.75
N ASN B 71 17.54 5.13 20.74
CA ASN B 71 18.54 5.12 21.79
C ASN B 71 18.00 4.62 23.12
N VAL B 72 16.89 3.90 23.07
CA VAL B 72 16.42 3.09 24.19
C VAL B 72 17.05 1.70 24.04
N PHE B 73 17.88 1.33 25.01
CA PHE B 73 18.51 0.02 25.02
C PHE B 73 17.80 -0.87 26.04
N LEU B 74 17.35 -2.04 25.58
CA LEU B 74 16.62 -2.99 26.41
C LEU B 74 17.47 -4.23 26.71
N GLY B 75 17.58 -4.55 28.00
CA GLY B 75 18.24 -5.77 28.43
C GLY B 75 17.27 -6.92 28.64
N VAL B 76 17.71 -8.12 28.32
CA VAL B 76 16.88 -9.31 28.41
C VAL B 76 16.99 -9.88 29.82
N VAL B 77 15.84 -10.11 30.43
CA VAL B 77 15.74 -10.68 31.77
C VAL B 77 15.50 -12.17 31.72
N SER B 78 14.67 -12.62 30.79
CA SER B 78 14.42 -14.04 30.63
C SER B 78 13.98 -14.29 29.20
N ALA B 79 14.16 -15.54 28.76
CA ALA B 79 13.84 -15.94 27.40
C ALA B 79 13.24 -17.34 27.42
N LYS B 80 12.17 -17.50 26.67
CA LYS B 80 11.58 -18.81 26.44
C LYS B 80 10.92 -18.82 25.06
N TYR B 81 10.53 -20.01 24.61
CA TYR B 81 9.81 -20.12 23.36
C TYR B 81 8.29 -20.09 23.60
N LYS B 82 7.57 -19.57 22.62
CA LYS B 82 6.13 -19.79 22.51
C LYS B 82 5.92 -20.18 21.06
N GLY B 83 5.74 -21.48 20.82
CA GLY B 83 5.82 -21.98 19.45
C GLY B 83 7.11 -21.57 18.76
N VAL B 84 6.97 -20.92 17.59
CA VAL B 84 8.13 -20.58 16.78
C VAL B 84 8.63 -19.17 17.09
N ASN B 85 8.14 -18.57 18.17
CA ASN B 85 8.64 -17.28 18.58
C ASN B 85 9.41 -17.37 19.90
N LEU B 86 10.35 -16.44 20.05
CA LEU B 86 10.97 -16.15 21.33
C LEU B 86 10.09 -15.12 22.05
N VAL B 87 9.82 -15.38 23.31
CA VAL B 87 9.19 -14.41 24.20
C VAL B 87 10.26 -13.97 25.19
N LEU B 88 10.70 -12.73 25.07
CA LEU B 88 11.77 -12.16 25.87
C LEU B 88 11.17 -11.17 26.87
N LYS B 89 11.38 -11.42 28.16
CA LYS B 89 11.09 -10.42 29.17
C LYS B 89 12.26 -9.45 29.17
N VAL B 90 11.96 -8.14 29.20
CA VAL B 90 13.00 -7.11 29.14
C VAL B 90 12.85 -6.20 30.35
N ASN B 91 13.88 -5.38 30.56
CA ASN B 91 14.02 -4.57 31.76
C ASN B 91 13.23 -3.26 31.70
N GLN B 92 12.56 -2.96 30.60
CA GLN B 92 11.76 -1.76 30.54
C GLN B 92 10.42 -1.99 29.85
N VAL B 93 9.38 -1.44 30.46
CA VAL B 93 8.03 -1.44 29.90
C VAL B 93 7.95 -0.43 28.76
N ASN B 94 7.44 -0.86 27.61
CA ASN B 94 7.24 0.10 26.52
C ASN B 94 6.23 1.18 26.93
N PRO B 95 6.67 2.44 27.10
CA PRO B 95 5.71 3.50 27.48
C PRO B 95 4.66 3.81 26.43
N ASN B 96 4.86 3.35 25.19
CA ASN B 96 3.91 3.58 24.12
C ASN B 96 3.22 2.28 23.71
N THR B 97 2.98 1.39 24.65
CA THR B 97 2.23 0.17 24.35
C THR B 97 0.77 0.55 24.07
N PRO B 98 0.25 0.33 22.85
CA PRO B 98 -1.16 0.59 22.61
C PRO B 98 -2.01 -0.54 23.16
N GLU B 99 -3.24 -0.19 23.48
CA GLU B 99 -4.26 -1.22 23.68
C GLU B 99 -4.32 -2.08 22.42
N HIS B 100 -4.40 -3.39 22.61
CA HIS B 100 -4.26 -4.29 21.49
C HIS B 100 -4.75 -5.66 21.92
N LYS B 101 -5.01 -6.50 20.93
CA LYS B 101 -5.36 -7.89 21.14
C LYS B 101 -4.66 -8.73 20.09
N PHE B 102 -4.69 -10.04 20.28
CA PHE B 102 -4.13 -10.98 19.32
C PHE B 102 -5.26 -11.73 18.66
N LYS B 103 -5.14 -11.99 17.36
CA LYS B 103 -5.97 -13.01 16.73
C LYS B 103 -5.26 -13.51 15.49
N SER B 104 -5.82 -14.57 14.91
CA SER B 104 -5.34 -15.12 13.66
C SER B 104 -6.22 -14.66 12.51
N VAL B 105 -5.60 -14.52 11.33
CA VAL B 105 -6.38 -14.31 10.13
C VAL B 105 -6.63 -15.66 9.48
N ARG B 106 -7.66 -15.72 8.74
CA ARG B 106 -8.08 -16.84 7.94
C ARG B 106 -7.74 -16.62 6.48
N PRO B 107 -7.68 -17.69 5.68
CA PRO B 107 -7.50 -17.51 4.24
C PRO B 107 -8.64 -16.66 3.67
N GLY B 108 -8.29 -15.84 2.70
CA GLY B 108 -9.19 -14.84 2.18
C GLY B 108 -9.13 -13.52 2.90
N GLU B 109 -8.67 -13.50 4.15
CA GLU B 109 -8.72 -12.28 4.92
C GLU B 109 -7.50 -11.41 4.62
N SER B 110 -7.73 -10.11 4.61
CA SER B 110 -6.68 -9.14 4.34
C SER B 110 -6.11 -8.58 5.63
N PHE B 111 -4.88 -8.11 5.54
CA PHE B 111 -4.26 -7.46 6.69
C PHE B 111 -3.09 -6.62 6.21
N ASN B 112 -2.52 -5.88 7.16
CA ASN B 112 -1.47 -4.92 6.86
C ASN B 112 -0.11 -5.43 7.30
N ILE B 113 0.91 -5.27 6.45
CA ILE B 113 2.30 -5.56 6.78
C ILE B 113 3.03 -4.23 6.97
N LEU B 114 3.64 -4.04 8.14
CA LEU B 114 4.69 -3.03 8.34
C LEU B 114 6.03 -3.73 8.15
N ALA B 115 6.68 -3.43 7.02
CA ALA B 115 7.93 -4.06 6.65
C ALA B 115 9.06 -3.34 7.37
N CYS B 116 9.84 -4.08 8.15
CA CYS B 116 10.88 -3.46 8.94
C CYS B 116 12.23 -4.05 8.55
N TYR B 117 13.24 -3.17 8.46
CA TYR B 117 14.58 -3.53 8.00
C TYR B 117 15.50 -3.33 9.20
N GLU B 118 15.91 -4.44 9.78
CA GLU B 118 16.83 -4.43 10.92
C GLU B 118 16.43 -3.39 11.97
N GLY B 119 15.15 -3.40 12.33
CA GLY B 119 14.65 -2.57 13.40
C GLY B 119 14.00 -1.28 12.96
N CYS B 120 14.13 -0.91 11.70
CA CYS B 120 13.61 0.35 11.21
C CYS B 120 12.39 0.15 10.35
N PRO B 121 11.20 0.58 10.78
CA PRO B 121 10.04 0.59 9.86
C PRO B 121 10.40 1.28 8.56
N GLY B 122 10.07 0.64 7.45
CA GLY B 122 10.47 1.15 6.16
C GLY B 122 9.29 1.28 5.21
N SER B 123 8.31 0.38 5.32
CA SER B 123 7.19 0.44 4.37
C SER B 123 5.98 -0.28 4.94
N VAL B 124 4.82 0.03 4.36
CA VAL B 124 3.55 -0.57 4.79
C VAL B 124 2.67 -0.81 3.56
N TYR B 125 2.07 -2.00 3.53
CA TYR B 125 1.28 -2.41 2.37
C TYR B 125 0.32 -3.50 2.81
N GLY B 126 -0.77 -3.63 2.05
CA GLY B 126 -1.79 -4.60 2.37
C GLY B 126 -1.52 -5.91 1.67
N VAL B 127 -1.94 -7.02 2.31
CA VAL B 127 -1.79 -8.34 1.73
C VAL B 127 -3.07 -9.09 2.03
N ASN B 128 -3.07 -10.40 1.75
CA ASN B 128 -4.25 -11.26 1.82
C ASN B 128 -3.77 -12.69 2.07
N MET B 129 -4.31 -13.36 3.09
CA MET B 129 -3.89 -14.73 3.41
C MET B 129 -4.41 -15.70 2.35
N ARG B 130 -3.50 -16.49 1.77
CA ARG B 130 -3.89 -17.48 0.77
C ARG B 130 -4.26 -18.80 1.44
N SER B 131 -4.86 -19.71 0.64
CA SER B 131 -5.43 -20.93 1.21
C SER B 131 -4.36 -21.82 1.85
N GLN B 132 -3.13 -21.79 1.37
CA GLN B 132 -2.09 -22.62 1.97
C GLN B 132 -1.34 -21.90 3.08
N GLY B 133 -1.88 -20.79 3.59
CA GLY B 133 -1.29 -20.10 4.72
C GLY B 133 -0.09 -19.24 4.40
N THR B 134 0.06 -18.81 3.15
CA THR B 134 1.14 -17.97 2.67
C THR B 134 0.57 -16.61 2.26
N ILE B 135 1.43 -15.61 2.16
CA ILE B 135 1.09 -14.36 1.52
C ILE B 135 2.15 -14.09 0.45
N LYS B 136 1.77 -13.30 -0.54
CA LYS B 136 2.68 -12.81 -1.57
C LYS B 136 3.09 -11.39 -1.17
N GLY B 137 4.18 -11.27 -0.45
CA GLY B 137 4.63 -9.96 -0.07
C GLY B 137 5.96 -9.62 -0.68
N SER B 138 6.78 -8.93 0.09
CA SER B 138 8.06 -8.43 -0.38
C SER B 138 8.97 -8.39 0.84
N PHE B 139 9.68 -9.48 1.05
CA PHE B 139 10.51 -9.66 2.24
C PHE B 139 11.88 -10.10 1.79
N ILE B 140 12.90 -9.67 2.51
CA ILE B 140 14.28 -10.01 2.22
C ILE B 140 15.00 -10.19 3.55
N ALA B 141 16.28 -10.52 3.46
CA ALA B 141 17.12 -10.63 4.64
C ALA B 141 16.95 -9.37 5.48
N GLY B 142 16.81 -9.56 6.80
CA GLY B 142 16.66 -8.46 7.73
C GLY B 142 15.22 -8.08 8.07
N THR B 143 14.23 -8.69 7.43
CA THR B 143 12.84 -8.29 7.65
C THR B 143 12.04 -9.26 8.53
N CYS B 144 12.63 -10.38 8.98
CA CYS B 144 11.89 -11.25 9.88
C CYS B 144 11.55 -10.47 11.14
N GLY B 145 10.41 -10.79 11.74
CA GLY B 145 9.87 -9.97 12.81
C GLY B 145 8.97 -8.83 12.34
N SER B 146 8.98 -8.47 11.05
CA SER B 146 7.96 -7.55 10.53
C SER B 146 6.58 -8.06 10.93
N VAL B 147 5.70 -7.14 11.31
CA VAL B 147 4.43 -7.53 11.93
C VAL B 147 3.26 -7.20 11.03
N GLY B 148 2.27 -8.07 11.05
CA GLY B 148 1.02 -7.85 10.38
C GLY B 148 -0.01 -7.47 11.45
N TYR B 149 -0.91 -6.58 11.06
CA TYR B 149 -1.93 -6.08 11.96
C TYR B 149 -3.19 -5.73 11.17
N VAL B 150 -4.29 -5.62 11.93
CA VAL B 150 -5.55 -5.08 11.45
C VAL B 150 -6.15 -4.17 12.52
N LEU B 151 -6.83 -3.12 12.05
CA LEU B 151 -7.64 -2.23 12.86
C LEU B 151 -9.12 -2.54 12.57
N GLU B 152 -9.87 -2.94 13.59
CA GLU B 152 -11.28 -3.27 13.46
C GLU B 152 -12.01 -2.63 14.64
N ASN B 153 -13.10 -1.91 14.36
CA ASN B 153 -13.98 -1.40 15.42
C ASN B 153 -13.21 -0.60 16.47
N GLY B 154 -12.24 0.19 16.03
CA GLY B 154 -11.40 0.91 16.95
C GLY B 154 -10.41 0.11 17.78
N THR B 155 -10.19 -1.18 17.50
CA THR B 155 -9.17 -1.91 18.26
C THR B 155 -8.09 -2.49 17.34
N LEU B 156 -6.87 -2.53 17.87
CA LEU B 156 -5.69 -3.02 17.17
C LEU B 156 -5.45 -4.49 17.47
N TYR B 157 -5.42 -5.31 16.40
CA TYR B 157 -5.10 -6.73 16.48
C TYR B 157 -3.76 -7.03 15.80
N PHE B 158 -2.87 -7.71 16.49
CA PHE B 158 -1.66 -8.25 15.86
C PHE B 158 -1.95 -9.68 15.38
N VAL B 159 -1.60 -9.96 14.13
CA VAL B 159 -2.09 -11.16 13.48
C VAL B 159 -0.98 -11.96 12.80
N TYR B 160 0.23 -11.38 12.69
CA TYR B 160 1.24 -11.99 11.83
C TYR B 160 2.63 -11.51 12.21
N MET B 161 3.60 -12.43 12.15
CA MET B 161 5.02 -12.10 12.28
C MET B 161 5.81 -12.92 11.27
N HIS B 162 6.76 -12.27 10.60
CA HIS B 162 7.37 -12.88 9.43
C HIS B 162 8.57 -13.76 9.77
N HIS B 163 8.60 -14.97 9.20
CA HIS B 163 9.67 -15.96 9.42
C HIS B 163 10.43 -16.40 8.17
N LEU B 164 9.78 -16.61 7.03
CA LEU B 164 10.58 -17.20 5.96
C LEU B 164 9.90 -17.15 4.60
N GLU B 165 10.69 -17.51 3.57
CA GLU B 165 10.25 -17.53 2.19
C GLU B 165 10.41 -18.94 1.63
N LEU B 166 9.39 -19.42 0.91
CA LEU B 166 9.49 -20.72 0.29
C LEU B 166 10.24 -20.64 -1.04
N GLY B 167 10.54 -21.81 -1.61
CA GLY B 167 11.29 -21.85 -2.86
C GLY B 167 10.57 -21.22 -4.03
N ASN B 168 9.25 -21.25 -4.02
CA ASN B 168 8.45 -20.60 -5.04
C ASN B 168 8.21 -19.11 -4.78
N GLY B 169 8.80 -18.50 -3.75
CA GLY B 169 8.66 -17.08 -3.49
C GLY B 169 7.60 -16.69 -2.47
N SER B 170 6.75 -17.62 -2.07
CA SER B 170 5.71 -17.34 -1.09
C SER B 170 6.34 -17.07 0.27
N HIS B 171 5.63 -16.30 1.10
CA HIS B 171 6.12 -15.79 2.36
C HIS B 171 5.28 -16.35 3.49
N VAL B 172 5.94 -16.67 4.59
CA VAL B 172 5.39 -17.53 5.62
C VAL B 172 5.71 -16.91 6.98
N GLY B 173 4.69 -16.74 7.80
CA GLY B 173 4.87 -16.21 9.15
C GLY B 173 3.99 -16.95 10.13
N SER B 174 4.02 -16.48 11.37
CA SER B 174 3.21 -17.06 12.43
C SER B 174 2.18 -16.04 12.90
N ASN B 175 1.18 -16.51 13.66
CA ASN B 175 0.44 -15.60 14.51
C ASN B 175 1.30 -15.24 15.72
N LEU B 176 0.77 -14.40 16.60
CA LEU B 176 1.55 -14.00 17.74
C LEU B 176 1.48 -15.03 18.87
N GLU B 177 0.77 -16.13 18.68
CA GLU B 177 0.88 -17.24 19.61
C GLU B 177 2.03 -18.20 19.26
N GLY B 178 2.77 -17.95 18.20
CA GLY B 178 3.85 -18.82 17.78
C GLY B 178 3.42 -19.99 16.90
N GLU B 179 2.21 -19.96 16.36
CA GLU B 179 1.71 -20.95 15.41
C GLU B 179 1.97 -20.49 13.98
N MET B 180 2.78 -21.27 13.24
CA MET B 180 3.11 -20.91 11.85
C MET B 180 1.86 -21.12 11.01
N TYR B 181 1.43 -20.08 10.30
CA TYR B 181 0.39 -20.22 9.30
C TYR B 181 0.83 -21.27 8.27
N GLY B 182 -0.13 -22.09 7.84
CA GLY B 182 0.16 -23.18 6.92
C GLY B 182 0.89 -24.36 7.51
N GLY B 183 1.28 -24.30 8.77
CA GLY B 183 1.99 -25.43 9.33
C GLY B 183 3.45 -25.56 8.97
N TYR B 184 4.02 -24.63 8.22
CA TYR B 184 5.42 -24.75 7.85
C TYR B 184 6.33 -24.71 9.07
N GLU B 185 7.53 -25.32 8.92
CA GLU B 185 8.57 -25.33 9.95
C GLU B 185 9.55 -24.18 9.77
N ASP B 186 10.06 -23.65 10.88
CA ASP B 186 11.07 -22.57 10.77
C ASP B 186 12.48 -23.15 10.67
N GLN B 187 12.77 -23.70 9.49
CA GLN B 187 13.99 -24.42 9.16
C GLN B 187 14.38 -24.12 7.72
N PRO B 188 15.68 -24.20 7.39
CA PRO B 188 16.11 -23.86 6.03
C PRO B 188 15.78 -24.91 5.00
N SER B 189 15.44 -26.13 5.38
CA SER B 189 15.27 -27.20 4.40
C SER B 189 14.05 -26.95 3.52
N MET B 190 14.03 -27.64 2.37
CA MET B 190 13.01 -27.44 1.35
C MET B 190 11.61 -27.62 1.93
N GLN B 191 10.70 -26.73 1.52
CA GLN B 191 9.30 -26.76 1.91
C GLN B 191 8.48 -26.28 0.71
N LEU B 192 7.48 -27.07 0.34
CA LEU B 192 6.65 -26.80 -0.83
C LEU B 192 5.24 -26.39 -0.39
N GLU B 193 4.60 -25.59 -1.23
CA GLU B 193 3.24 -25.11 -1.04
C GLU B 193 2.31 -25.94 -1.91
N GLY B 194 1.17 -26.31 -1.37
CA GLY B 194 0.16 -26.99 -2.17
C GLY B 194 -0.52 -26.05 -3.16
N THR B 195 -1.47 -26.62 -3.89
CA THR B 195 -2.20 -25.86 -4.90
C THR B 195 -2.95 -24.69 -4.25
N ASN B 196 -2.90 -23.54 -4.91
CA ASN B 196 -3.61 -22.35 -4.44
C ASN B 196 -5.09 -22.41 -4.84
N VAL B 197 -5.98 -22.16 -3.88
CA VAL B 197 -7.42 -22.10 -4.12
C VAL B 197 -7.88 -20.63 -4.04
N MET B 198 -8.49 -20.14 -5.11
CA MET B 198 -8.88 -18.73 -5.17
C MET B 198 -10.06 -18.45 -4.26
N SER B 199 -10.04 -17.30 -3.58
CA SER B 199 -11.15 -16.92 -2.72
C SER B 199 -12.32 -16.42 -3.58
N SER B 200 -13.39 -17.20 -3.61
CA SER B 200 -14.59 -16.80 -4.35
C SER B 200 -15.23 -15.55 -3.75
N ASP B 201 -15.32 -15.46 -2.41
CA ASP B 201 -15.85 -14.26 -1.76
C ASP B 201 -15.15 -13.02 -2.29
N ASN B 202 -13.82 -13.10 -2.41
CA ASN B 202 -13.04 -11.93 -2.76
C ASN B 202 -13.22 -11.58 -4.22
N VAL B 203 -13.38 -12.58 -5.08
CA VAL B 203 -13.57 -12.30 -6.48
C VAL B 203 -14.94 -11.67 -6.72
N VAL B 204 -15.97 -12.14 -6.02
CA VAL B 204 -17.27 -11.44 -6.03
C VAL B 204 -17.10 -9.97 -5.61
N ALA B 205 -16.41 -9.72 -4.50
CA ALA B 205 -16.16 -8.33 -4.06
C ALA B 205 -15.52 -7.52 -5.19
N PHE B 206 -14.57 -8.15 -5.90
CA PHE B 206 -13.85 -7.48 -6.97
C PHE B 206 -14.79 -7.09 -8.09
N LEU B 207 -15.68 -8.00 -8.49
CA LEU B 207 -16.62 -7.65 -9.54
C LEU B 207 -17.62 -6.60 -9.06
N TYR B 208 -18.02 -6.64 -7.78
CA TYR B 208 -18.86 -5.55 -7.28
C TYR B 208 -18.10 -4.23 -7.38
N ALA B 209 -16.82 -4.24 -7.02
CA ALA B 209 -16.02 -3.03 -7.14
C ALA B 209 -16.05 -2.51 -8.57
N ALA B 210 -15.92 -3.42 -9.53
CA ALA B 210 -15.92 -3.00 -10.92
C ALA B 210 -17.27 -2.41 -11.30
N LEU B 211 -18.37 -3.04 -10.87
CA LEU B 211 -19.67 -2.47 -11.14
C LEU B 211 -19.82 -1.08 -10.49
N ILE B 212 -19.38 -0.92 -9.26
CA ILE B 212 -19.49 0.39 -8.61
C ILE B 212 -18.67 1.44 -9.35
N ASN B 213 -17.53 1.06 -9.91
CA ASN B 213 -16.69 1.93 -10.71
C ASN B 213 -17.25 2.20 -12.10
N GLY B 214 -18.47 1.78 -12.41
CA GLY B 214 -19.04 2.04 -13.71
C GLY B 214 -18.61 1.09 -14.81
N GLU B 215 -17.80 0.10 -14.52
CA GLU B 215 -17.31 -0.86 -15.51
C GLU B 215 -18.21 -2.09 -15.44
N ARG B 216 -19.12 -2.22 -16.41
CA ARG B 216 -20.14 -3.27 -16.41
C ARG B 216 -20.11 -4.16 -17.65
N TRP B 217 -19.10 -4.07 -18.50
CA TRP B 217 -19.16 -4.78 -19.77
C TRP B 217 -19.40 -6.27 -19.57
N PHE B 218 -18.87 -6.87 -18.49
CA PHE B 218 -18.89 -8.31 -18.33
C PHE B 218 -20.18 -8.87 -17.73
N VAL B 219 -21.09 -8.01 -17.23
CA VAL B 219 -22.14 -8.48 -16.37
C VAL B 219 -23.40 -8.72 -17.18
N THR B 220 -24.31 -9.49 -16.62
CA THR B 220 -25.49 -9.97 -17.32
C THR B 220 -26.54 -10.29 -16.27
N ASN B 221 -27.79 -10.30 -16.68
CA ASN B 221 -28.84 -10.65 -15.72
C ASN B 221 -29.01 -12.15 -15.55
N THR B 222 -28.13 -12.92 -16.19
CA THR B 222 -28.09 -14.36 -15.97
C THR B 222 -27.40 -14.66 -14.65
N SER B 223 -27.95 -15.62 -13.92
CA SER B 223 -27.49 -15.93 -12.58
C SER B 223 -27.29 -17.45 -12.43
N MET B 224 -26.60 -17.82 -11.35
CA MET B 224 -26.30 -19.21 -11.03
C MET B 224 -26.46 -19.39 -9.53
N THR B 225 -27.13 -20.47 -9.15
CA THR B 225 -27.39 -20.77 -7.75
C THR B 225 -26.08 -21.06 -7.03
N LEU B 226 -26.09 -20.84 -5.71
CA LEU B 226 -24.93 -21.19 -4.90
C LEU B 226 -24.48 -22.64 -5.15
N GLU B 227 -25.45 -23.56 -5.21
CA GLU B 227 -25.13 -24.99 -5.34
C GLU B 227 -24.36 -25.28 -6.61
N SER B 228 -24.86 -24.83 -7.76
CA SER B 228 -24.17 -25.02 -9.01
C SER B 228 -22.80 -24.34 -8.98
N TYR B 229 -22.73 -23.10 -8.48
CA TYR B 229 -21.41 -22.49 -8.39
C TYR B 229 -20.47 -23.35 -7.55
N ASN B 230 -20.95 -23.86 -6.41
CA ASN B 230 -20.06 -24.57 -5.48
C ASN B 230 -19.61 -25.91 -6.07
N SER B 231 -20.47 -26.58 -6.83
CA SER B 231 -20.02 -27.78 -7.54
C SER B 231 -18.94 -27.45 -8.56
N TRP B 232 -19.08 -26.34 -9.26
CA TRP B 232 -18.04 -25.94 -10.18
C TRP B 232 -16.79 -25.54 -9.43
N ALA B 233 -16.94 -24.80 -8.33
CA ALA B 233 -15.79 -24.30 -7.60
C ALA B 233 -14.85 -25.44 -7.19
N LYS B 234 -15.42 -26.57 -6.75
CA LYS B 234 -14.62 -27.66 -6.20
C LYS B 234 -13.69 -28.26 -7.23
N THR B 235 -14.08 -28.20 -8.50
CA THR B 235 -13.28 -28.80 -9.56
C THR B 235 -12.50 -27.75 -10.33
N ASN B 236 -12.50 -26.47 -9.87
CA ASN B 236 -11.74 -25.42 -10.53
C ASN B 236 -10.87 -24.62 -9.56
N SER B 237 -10.58 -25.16 -8.37
CA SER B 237 -9.68 -24.50 -7.42
C SER B 237 -10.20 -23.10 -7.06
N PHE B 238 -11.47 -23.05 -6.67
CA PHE B 238 -12.10 -21.88 -6.06
C PHE B 238 -12.77 -22.32 -4.76
N THR B 239 -12.80 -21.44 -3.77
CA THR B 239 -13.49 -21.78 -2.54
C THR B 239 -15.01 -21.83 -2.76
N GLU B 240 -15.67 -22.61 -1.91
CA GLU B 240 -17.12 -22.70 -1.90
C GLU B 240 -17.70 -21.50 -1.15
N ILE B 241 -18.84 -21.01 -1.61
CA ILE B 241 -19.50 -19.86 -1.00
C ILE B 241 -20.46 -20.39 0.05
N VAL B 242 -20.29 -19.95 1.29
CA VAL B 242 -21.11 -20.44 2.40
C VAL B 242 -22.35 -19.60 2.64
N SER B 243 -22.35 -18.33 2.28
CA SER B 243 -23.51 -17.47 2.54
C SER B 243 -23.35 -16.17 1.76
N THR B 244 -24.48 -15.57 1.40
CA THR B 244 -24.47 -14.30 0.68
C THR B 244 -24.47 -13.06 1.58
N ASP B 245 -24.52 -13.25 2.91
CA ASP B 245 -24.77 -12.13 3.83
C ASP B 245 -23.69 -11.05 3.75
N ALA B 246 -22.42 -11.46 3.59
CA ALA B 246 -21.33 -10.48 3.57
C ALA B 246 -21.45 -9.50 2.41
N PHE B 247 -22.28 -9.84 1.41
CA PHE B 247 -22.45 -9.04 0.21
C PHE B 247 -23.73 -8.21 0.25
N ASN B 248 -24.50 -8.29 1.33
CA ASN B 248 -25.80 -7.59 1.37
C ASN B 248 -25.69 -6.12 0.98
N MET B 249 -24.69 -5.41 1.46
CA MET B 249 -24.62 -3.97 1.18
C MET B 249 -24.25 -3.69 -0.27
N LEU B 250 -23.27 -4.44 -0.80
CA LEU B 250 -22.85 -4.31 -2.20
C LEU B 250 -24.00 -4.61 -3.14
N ALA B 251 -24.74 -5.66 -2.83
CA ALA B 251 -25.89 -6.02 -3.66
C ALA B 251 -26.99 -4.97 -3.55
N ALA B 252 -27.20 -4.42 -2.33
CA ALA B 252 -28.24 -3.40 -2.15
C ALA B 252 -27.92 -2.15 -2.96
N LYS B 253 -26.65 -1.71 -2.95
CA LYS B 253 -26.28 -0.48 -3.65
C LYS B 253 -26.30 -0.68 -5.17
N THR B 254 -25.83 -1.82 -5.64
CA THR B 254 -25.66 -2.01 -7.07
C THR B 254 -26.91 -2.53 -7.72
N GLY B 255 -27.72 -3.26 -6.97
CA GLY B 255 -28.84 -3.97 -7.53
C GLY B 255 -28.50 -5.30 -8.15
N TYR B 256 -27.23 -5.73 -8.09
CA TYR B 256 -26.82 -7.04 -8.60
C TYR B 256 -26.76 -8.06 -7.46
N SER B 257 -27.45 -9.17 -7.64
CA SER B 257 -27.36 -10.26 -6.68
C SER B 257 -25.99 -10.95 -6.75
N VAL B 258 -25.62 -11.60 -5.66
CA VAL B 258 -24.41 -12.44 -5.69
C VAL B 258 -24.49 -13.44 -6.82
N GLU B 259 -25.67 -14.00 -7.05
CA GLU B 259 -25.80 -15.14 -7.95
C GLU B 259 -25.52 -14.74 -9.40
N LYS B 260 -25.81 -13.49 -9.78
CA LYS B 260 -25.42 -13.04 -11.13
C LYS B 260 -23.90 -12.93 -11.24
N LEU B 261 -23.24 -12.46 -10.19
CA LEU B 261 -21.79 -12.40 -10.23
C LEU B 261 -21.13 -13.78 -10.18
N LEU B 262 -21.80 -14.80 -9.62
CA LEU B 262 -21.24 -16.14 -9.65
C LEU B 262 -21.22 -16.69 -11.07
N GLU B 263 -22.27 -16.38 -11.85
CA GLU B 263 -22.24 -16.71 -13.27
C GLU B 263 -21.12 -15.98 -14.00
N CYS B 264 -20.82 -14.75 -13.59
CA CYS B 264 -19.73 -14.03 -14.23
C CYS B 264 -18.41 -14.74 -13.99
N ILE B 265 -18.21 -15.24 -12.76
CA ILE B 265 -16.93 -15.89 -12.44
C ILE B 265 -16.71 -17.10 -13.35
N VAL B 266 -17.69 -18.02 -13.36
CA VAL B 266 -17.58 -19.22 -14.18
C VAL B 266 -17.25 -18.87 -15.62
N ARG B 267 -17.84 -17.79 -16.14
CA ARG B 267 -17.62 -17.44 -17.54
C ARG B 267 -16.27 -16.75 -17.74
N LEU B 268 -15.94 -15.80 -16.86
CA LEU B 268 -14.74 -15.00 -17.05
C LEU B 268 -13.51 -15.81 -16.73
N ASN B 269 -13.65 -16.85 -15.92
CA ASN B 269 -12.52 -17.71 -15.66
C ASN B 269 -12.04 -18.41 -16.92
N LYS B 270 -12.87 -18.49 -17.96
CA LYS B 270 -12.42 -19.00 -19.25
C LYS B 270 -11.62 -17.97 -20.04
N GLY B 271 -11.49 -16.75 -19.54
CA GLY B 271 -10.68 -15.73 -20.19
C GLY B 271 -11.47 -14.42 -20.34
N PHE B 272 -10.71 -13.34 -20.43
CA PHE B 272 -11.31 -12.02 -20.60
C PHE B 272 -11.44 -11.60 -22.06
N GLY B 273 -10.95 -12.41 -23.00
CA GLY B 273 -10.98 -12.04 -24.41
C GLY B 273 -10.17 -10.81 -24.72
N GLY B 274 -9.09 -10.59 -23.98
CA GLY B 274 -8.28 -9.41 -24.18
C GLY B 274 -8.88 -8.14 -23.63
N ARG B 275 -10.01 -8.21 -22.93
CA ARG B 275 -10.47 -7.06 -22.16
C ARG B 275 -9.85 -7.10 -20.77
N THR B 276 -10.08 -6.03 -20.00
CA THR B 276 -9.69 -5.99 -18.59
C THR B 276 -10.88 -5.62 -17.70
N ILE B 277 -10.69 -5.83 -16.40
CA ILE B 277 -11.61 -5.38 -15.35
C ILE B 277 -10.80 -4.63 -14.31
N LEU B 278 -11.15 -3.38 -14.07
CA LEU B 278 -10.35 -2.52 -13.19
C LEU B 278 -8.86 -2.62 -13.55
N SER B 279 -8.58 -2.83 -14.82
CA SER B 279 -7.25 -2.88 -15.43
C SER B 279 -6.53 -4.21 -15.17
N TYR B 280 -7.09 -5.11 -14.37
CA TYR B 280 -6.55 -6.47 -14.30
C TYR B 280 -6.93 -7.24 -15.56
N GLY B 281 -6.06 -8.18 -15.95
CA GLY B 281 -6.29 -9.08 -17.07
C GLY B 281 -6.83 -10.46 -16.72
N SER B 282 -7.02 -10.75 -15.43
CA SER B 282 -7.62 -12.00 -15.00
C SER B 282 -8.33 -11.72 -13.66
N LEU B 283 -9.14 -12.67 -13.21
CA LEU B 283 -9.88 -12.47 -11.98
C LEU B 283 -8.93 -12.26 -10.80
N CYS B 284 -9.29 -11.31 -9.92
CA CYS B 284 -8.44 -10.91 -8.80
C CYS B 284 -9.14 -11.24 -7.49
N ASP B 285 -8.44 -11.99 -6.63
CA ASP B 285 -9.00 -12.41 -5.35
C ASP B 285 -8.33 -11.71 -4.17
N GLU B 286 -7.74 -10.54 -4.39
CA GLU B 286 -6.96 -9.89 -3.35
C GLU B 286 -7.75 -8.89 -2.51
N PHE B 287 -8.99 -8.56 -2.88
CA PHE B 287 -9.80 -7.55 -2.20
C PHE B 287 -10.99 -8.24 -1.54
N THR B 288 -11.14 -8.05 -0.22
CA THR B 288 -12.29 -8.60 0.48
C THR B 288 -13.52 -7.70 0.30
N PRO B 289 -14.71 -8.22 0.63
CA PRO B 289 -15.90 -7.37 0.61
C PRO B 289 -15.75 -6.10 1.41
N ILE B 290 -15.17 -6.17 2.60
CA ILE B 290 -15.07 -4.99 3.42
C ILE B 290 -14.01 -4.04 2.87
N GLU B 291 -12.92 -4.57 2.32
CA GLU B 291 -11.96 -3.70 1.66
C GLU B 291 -12.65 -2.86 0.61
N VAL B 292 -13.53 -3.48 -0.19
CA VAL B 292 -14.23 -2.74 -1.23
C VAL B 292 -15.17 -1.70 -0.63
N ILE B 293 -15.97 -2.10 0.36
CA ILE B 293 -16.90 -1.18 1.00
C ILE B 293 -16.16 0.05 1.53
N ARG B 294 -15.03 -0.17 2.21
CA ARG B 294 -14.25 0.94 2.76
C ARG B 294 -13.87 1.93 1.68
N GLN B 295 -13.35 1.42 0.56
CA GLN B 295 -12.83 2.28 -0.50
C GLN B 295 -13.94 2.93 -1.31
N MET B 296 -15.01 2.18 -1.61
CA MET B 296 -16.02 2.73 -2.50
C MET B 296 -17.03 3.60 -1.76
N TYR B 297 -17.25 3.35 -0.47
CA TYR B 297 -18.28 4.06 0.27
C TYR B 297 -17.78 4.78 1.52
N GLY B 298 -16.52 4.60 1.92
CA GLY B 298 -15.93 5.41 2.98
C GLY B 298 -16.33 5.09 4.41
N VAL B 299 -16.77 3.87 4.69
CA VAL B 299 -17.17 3.52 6.05
C VAL B 299 -16.42 2.33 6.64
C7 UED C . -15.89 15.00 -10.68
O8 UED C . -16.13 16.20 -10.00
C9 UED C . -15.23 16.47 -8.96
O10 UED C . -14.20 15.88 -8.77
C1 UED C . -16.58 13.80 -10.01
C2 UED C . -16.31 12.56 -10.42
C3 UED C . -17.00 11.36 -9.78
C4 UED C . -17.89 11.55 -8.82
C5 UED C . -18.20 12.96 -8.35
C6 UED C . -17.59 14.00 -8.90
N11 UED C . -15.61 17.57 -8.10
C12 UED C . -14.82 18.06 -6.98
C17 UED C . -15.03 17.02 -5.89
O18 UED C . -16.10 16.54 -5.74
C13 UED C . -15.39 19.41 -6.64
C14 UED C . -14.50 20.60 -6.95
C15 UED C . -13.49 20.46 -8.07
C16 UED C . -15.40 21.83 -7.16
N19 UED C . -13.91 16.65 -5.05
C20 UED C . -14.05 15.62 -4.02
C21 UED C . -13.55 16.12 -2.67
O22 UED C . -14.43 17.09 -2.15
C24 UED C . -13.25 14.38 -4.48
C25 UED C . -13.66 13.77 -5.88
C26 UED C . -15.10 13.30 -5.80
C27 UED C . -15.11 11.91 -6.51
N28 UED C . -13.65 11.47 -6.70
C29 UED C . -12.79 12.59 -6.30
O30 UED C . -11.61 12.54 -6.38
H1 UED C . -16.22 15.09 -11.59
H2 UED C . -14.93 14.84 -10.70
H3 UED C . -15.69 12.43 -11.11
H4 UED C . -16.80 10.50 -10.07
H5 UED C . -18.32 10.82 -8.43
H6 UED C . -18.81 13.10 -7.66
H7 UED C . -17.79 14.86 -8.61
H8 UED C . -16.37 17.97 -8.27
H9 UED C . -13.87 18.16 -7.13
H10 UED C . -16.22 19.51 -7.13
H11 UED C . -15.58 19.41 -5.69
H12 UED C . -13.91 20.68 -6.18
H13 UED C . -12.88 19.74 -7.88
H14 UED C . -13.96 20.28 -8.90
H15 UED C . -12.99 21.29 -8.16
H16 UED C . -14.94 22.48 -7.70
H17 UED C . -16.22 21.55 -7.60
H18 UED C . -15.63 22.23 -6.30
H19 UED C . -13.16 17.03 -5.15
H20 UED C . -14.99 15.39 -3.91
H21 UED C . -13.35 13.69 -3.81
H22 UED C . -12.31 14.64 -4.53
H23 UED C . -13.54 14.46 -6.54
H24 UED C . -15.67 13.93 -6.26
H25 UED C . -15.36 13.21 -4.88
H26 UED C . -15.54 12.00 -7.38
H27 UED C . -15.58 11.27 -5.97
H28 UED C . -13.39 10.70 -6.98
H29 UED C . -13.49 15.36 -2.06
H30 UED C . -12.67 16.52 -2.78
H31 UED C . -14.90 16.75 -1.53
C7 UED D . 14.68 -19.22 2.14
O8 UED D . 15.26 -19.36 3.41
C9 UED D . 14.64 -18.63 4.44
O10 UED D . 13.70 -17.92 4.28
C1 UED D . 15.35 -18.03 1.45
C2 UED D . 14.92 -17.63 0.28
C3 UED D . 15.61 -16.45 -0.40
C4 UED D . 16.63 -15.83 0.18
C5 UED D . 17.11 -16.29 1.54
C6 UED D . 16.52 -17.31 2.12
N11 UED D . 15.20 -18.80 5.76
C12 UED D . 14.75 -18.03 6.91
C17 UED D . 15.08 -16.59 6.62
O18 UED D . 16.10 -16.32 6.04
C13 UED D . 15.55 -18.54 8.09
C14 UED D . 14.79 -19.53 8.97
C15 UED D . 13.64 -20.25 8.32
C16 UED D . 15.77 -20.58 9.54
N19 UED D . 14.17 -15.56 7.08
C20 UED D . 14.45 -14.16 6.77
C21 UED D . 14.40 -13.23 7.97
O22 UED D . 15.17 -13.85 8.96
C24 UED D . 13.39 -13.72 5.74
C25 UED D . 13.53 -14.37 4.33
C26 UED D . 14.84 -13.96 3.75
C27 UED D . 14.55 -13.85 2.23
N28 UED D . 13.04 -13.57 2.11
C29 UED D . 12.42 -13.91 3.42
O30 UED D . 11.27 -13.85 3.69
H1 UED D . 14.81 -20.03 1.62
H2 UED D . 13.73 -19.05 2.23
H3 UED D . 14.21 -18.05 -0.14
H4 UED D . 15.32 -16.16 -1.24
H5 UED D . 17.03 -15.10 -0.24
H6 UED D . 17.82 -15.85 1.96
H7 UED D . 16.82 -17.60 2.94
H8 UED D . 15.84 -19.37 5.88
H9 UED D . 13.81 -18.12 7.10
H10 UED D . 16.35 -18.97 7.76
H11 UED D . 15.80 -17.77 8.64
H12 UED D . 14.40 -18.98 9.67
H13 UED D . 12.95 -19.60 8.08
H14 UED D . 13.95 -20.70 7.51
H15 UED D . 13.27 -20.90 8.94
H16 UED D . 15.28 -21.41 9.70
H17 UED D . 16.49 -20.73 8.92
H18 UED D . 16.13 -20.25 10.38
H19 UED D . 13.46 -15.77 7.52
H20 UED D . 15.36 -14.11 6.44
H21 UED D . 13.45 -12.75 5.64
H22 UED D . 12.51 -13.94 6.10
H23 UED D . 13.48 -15.33 4.43
H24 UED D . 15.51 -14.64 3.92
H25 UED D . 15.12 -13.10 4.11
H26 UED D . 14.77 -14.68 1.78
H27 UED D . 15.06 -13.11 1.85
H28 UED D . 12.62 -13.27 1.41
H29 UED D . 14.76 -12.36 7.74
H30 UED D . 13.48 -13.12 8.26
H31 UED D . 15.82 -13.35 9.16
#